data_3TGS
#
_entry.id   3TGS
#
_cell.length_a   66.960
_cell.length_b   126.000
_cell.length_c   191.480
_cell.angle_alpha   90.00
_cell.angle_beta   90.00
_cell.angle_gamma   90.00
#
_symmetry.space_group_name_H-M   'C 2 2 21'
#
loop_
_entity.id
_entity.type
_entity.pdbx_description
1 polymer 'HIV-1 clade C1086 gp120 core'
2 non-polymer 2-acetamido-2-deoxy-beta-D-glucopyranose
3 non-polymer "N-(4-chlorophenyl)-N'-(2,2,6,6-tetramethylpiperidin-4-yl)ethanediamide"
4 water water
#
_entity_poly.entity_id   1
_entity_poly.type   'polypeptide(L)'
_entity_poly.pdbx_seq_one_letter_code
;VWKEAKTTLFCASDAKAYEKEVHNVWATHACVPTDPNPQEMVLANVTENFNMWKNDMVEQMHEDIISLWDESLKPCVKLT
GGSAITQACPKVSFDPIPLHYCAPAGFAILKCNNKTFNGTGPCRNVSTVQCTHGIKPVVSTQLLLNGSLAEEEIIIRSEN
LTNNAKTIIVHLNESVNIVCTRPNNGGSGSGGNIRQAHCNINESKWNNTLQKVGEELAKHFPSKTIKFEPSSGGDLEITT
HSFNCRGEFFYCNTSDLFNGTYRNGTYNHTGRSSNGTITLQCKIKQIINMWQEVGRAIYAPPIEGEITCNSNITGLLLLR
DGGQSNETNDTETFRPGGGDMRDNWRSELYKYKVVEIK
;
_entity_poly.pdbx_strand_id   A,B
#
# COMPACT_ATOMS: atom_id res chain seq x y z
N VAL A 1 -9.66 34.71 13.22
CA VAL A 1 -8.41 35.16 12.60
C VAL A 1 -7.93 34.19 11.53
N TRP A 2 -8.54 34.28 10.34
CA TRP A 2 -8.18 33.43 9.22
C TRP A 2 -8.25 34.21 7.92
N LYS A 3 -7.44 33.82 6.95
CA LYS A 3 -7.43 34.46 5.64
C LYS A 3 -6.70 33.63 4.59
N GLU A 4 -6.42 34.24 3.44
CA GLU A 4 -5.80 33.53 2.33
C GLU A 4 -4.44 34.13 1.97
N ALA A 5 -3.38 33.34 2.15
CA ALA A 5 -2.03 33.81 1.87
C ALA A 5 -1.17 32.72 1.22
N LYS A 6 -0.05 33.13 0.65
CA LYS A 6 0.88 32.21 0.00
C LYS A 6 2.13 31.99 0.84
N THR A 7 2.38 30.73 1.19
CA THR A 7 3.57 30.36 1.96
C THR A 7 4.21 29.11 1.39
N THR A 8 5.53 29.03 1.47
CA THR A 8 6.25 27.88 0.98
C THR A 8 6.07 26.66 1.88
N LEU A 9 5.38 25.65 1.37
CA LEU A 9 5.10 24.45 2.15
C LEU A 9 6.27 23.48 2.14
N PHE A 10 6.04 22.32 2.74
CA PHE A 10 7.01 21.25 2.77
C PHE A 10 6.29 19.90 2.78
N CYS A 11 7.00 18.85 2.39
CA CYS A 11 6.40 17.53 2.31
C CYS A 11 6.88 16.61 3.44
N ALA A 12 5.98 15.75 3.91
CA ALA A 12 6.29 14.76 4.92
C ALA A 12 5.79 13.38 4.48
N SER A 13 6.71 12.45 4.29
CA SER A 13 6.36 11.13 3.78
C SER A 13 6.71 10.02 4.76
N ASP A 14 6.05 8.89 4.61
CA ASP A 14 6.38 7.69 5.37
C ASP A 14 7.35 6.85 4.53
N ALA A 15 8.37 7.51 4.01
CA ALA A 15 9.31 6.86 3.11
C ALA A 15 10.46 6.19 3.85
N LYS A 16 11.00 5.13 3.24
CA LYS A 16 12.11 4.39 3.82
C LYS A 16 13.44 4.78 3.15
N ALA A 17 14.49 4.88 3.97
CA ALA A 17 15.79 5.30 3.47
C ALA A 17 16.54 4.13 2.82
N TYR A 18 16.16 2.92 3.20
CA TYR A 18 16.81 1.72 2.68
C TYR A 18 16.17 1.29 1.36
N GLU A 19 15.04 1.90 1.03
CA GLU A 19 14.35 1.58 -0.20
C GLU A 19 15.06 2.21 -1.38
N LYS A 20 15.23 1.45 -2.46
CA LYS A 20 15.92 1.96 -3.63
C LYS A 20 14.96 2.54 -4.67
N GLU A 21 13.66 2.44 -4.39
CA GLU A 21 12.68 3.09 -5.25
C GLU A 21 12.89 4.60 -5.25
N VAL A 22 12.73 5.21 -6.42
CA VAL A 22 13.06 6.61 -6.60
C VAL A 22 12.14 7.54 -5.81
N HIS A 23 10.92 7.10 -5.56
CA HIS A 23 10.00 7.88 -4.76
C HIS A 23 10.49 7.98 -3.33
N ASN A 24 11.07 6.89 -2.81
CA ASN A 24 11.63 6.88 -1.47
C ASN A 24 12.95 7.64 -1.43
N VAL A 25 13.80 7.41 -2.43
CA VAL A 25 15.06 8.10 -2.54
C VAL A 25 14.84 9.61 -2.51
N TRP A 26 13.85 10.07 -3.28
CA TRP A 26 13.51 11.48 -3.32
C TRP A 26 12.85 11.90 -2.02
N ALA A 27 11.80 11.18 -1.64
CA ALA A 27 11.06 11.48 -0.42
C ALA A 27 11.98 11.65 0.79
N THR A 28 12.61 10.57 1.23
CA THR A 28 13.41 10.60 2.44
C THR A 28 14.38 11.79 2.50
N HIS A 29 14.83 12.24 1.33
CA HIS A 29 15.73 13.38 1.28
C HIS A 29 14.98 14.71 1.18
N ALA A 30 14.00 14.78 0.30
CA ALA A 30 13.27 16.03 0.06
C ALA A 30 12.12 16.23 1.05
N CYS A 31 11.87 15.21 1.87
CA CYS A 31 10.70 15.21 2.75
C CYS A 31 11.03 14.89 4.20
N VAL A 32 10.08 15.21 5.07
CA VAL A 32 10.21 14.97 6.49
C VAL A 32 9.47 13.68 6.84
N PRO A 33 9.96 12.94 7.84
CA PRO A 33 9.18 11.79 8.32
C PRO A 33 7.78 12.24 8.72
N THR A 34 6.78 11.41 8.48
CA THR A 34 5.40 11.75 8.83
C THR A 34 5.28 12.13 10.31
N ASP A 35 4.14 12.71 10.66
CA ASP A 35 3.94 13.25 12.01
C ASP A 35 4.31 12.29 13.15
N PRO A 36 3.78 11.06 13.12
CA PRO A 36 2.84 10.51 12.14
C PRO A 36 1.39 10.63 12.60
N ASN A 37 1.15 11.42 13.64
CA ASN A 37 -0.20 11.55 14.18
C ASN A 37 -0.56 12.94 14.70
N PRO A 38 -1.06 13.80 13.79
CA PRO A 38 -1.63 15.09 14.17
C PRO A 38 -3.11 14.91 14.46
N GLN A 39 -3.84 16.00 14.68
CA GLN A 39 -5.27 15.91 14.95
C GLN A 39 -6.06 17.02 14.25
N GLU A 40 -7.23 16.67 13.75
CA GLU A 40 -8.09 17.64 13.08
C GLU A 40 -8.78 18.54 14.09
N MET A 41 -8.54 19.85 13.95
CA MET A 41 -9.16 20.84 14.83
C MET A 41 -10.51 21.25 14.23
N VAL A 42 -11.48 20.35 14.35
CA VAL A 42 -12.79 20.55 13.72
C VAL A 42 -13.46 21.85 14.15
N LEU A 43 -14.18 22.47 13.21
CA LEU A 43 -14.81 23.77 13.46
C LEU A 43 -16.25 23.82 12.96
N ALA A 44 -17.15 24.27 13.83
CA ALA A 44 -18.54 24.49 13.45
C ALA A 44 -18.84 25.98 13.40
N ASN A 45 -20.03 26.34 12.95
CA ASN A 45 -20.41 27.74 12.82
C ASN A 45 -19.54 28.51 11.82
N VAL A 46 -18.67 27.80 11.12
CA VAL A 46 -17.74 28.44 10.20
C VAL A 46 -17.90 27.96 8.76
N THR A 47 -17.88 28.91 7.83
CA THR A 47 -17.96 28.61 6.41
C THR A 47 -16.90 29.39 5.66
N GLU A 48 -16.13 28.70 4.82
CA GLU A 48 -15.08 29.36 4.03
C GLU A 48 -15.21 29.05 2.55
N ASN A 49 -14.64 29.92 1.71
CA ASN A 49 -14.74 29.79 0.27
C ASN A 49 -13.49 29.16 -0.34
N PHE A 50 -13.65 27.95 -0.88
CA PHE A 50 -12.55 27.22 -1.49
C PHE A 50 -12.54 27.38 -3.00
N ASN A 51 -11.36 27.21 -3.60
CA ASN A 51 -11.24 27.21 -5.05
C ASN A 51 -10.10 26.30 -5.48
N MET A 52 -10.44 25.05 -5.77
CA MET A 52 -9.46 24.06 -6.17
C MET A 52 -8.77 24.45 -7.47
N TRP A 53 -9.33 25.45 -8.14
CA TRP A 53 -8.85 25.83 -9.46
C TRP A 53 -7.81 26.96 -9.41
N LYS A 54 -7.87 27.80 -8.38
CA LYS A 54 -6.86 28.82 -8.19
C LYS A 54 -6.19 28.63 -6.82
N ASN A 55 -5.47 27.51 -6.70
CA ASN A 55 -4.81 27.13 -5.45
C ASN A 55 -3.32 26.94 -5.67
N ASP A 56 -2.51 27.58 -4.82
CA ASP A 56 -1.06 27.50 -4.94
C ASP A 56 -0.54 26.11 -4.60
N MET A 57 -1.20 25.44 -3.65
CA MET A 57 -0.78 24.11 -3.21
C MET A 57 -0.55 23.18 -4.39
N VAL A 58 -1.39 23.31 -5.41
CA VAL A 58 -1.31 22.47 -6.58
C VAL A 58 -0.04 22.76 -7.40
N GLU A 59 0.34 24.03 -7.44
CA GLU A 59 1.57 24.40 -8.14
C GLU A 59 2.80 23.93 -7.37
N GLN A 60 2.76 24.04 -6.05
CA GLN A 60 3.87 23.59 -5.21
C GLN A 60 4.07 22.09 -5.35
N MET A 61 2.97 21.34 -5.35
CA MET A 61 3.06 19.91 -5.59
C MET A 61 3.59 19.66 -6.99
N HIS A 62 3.05 20.38 -7.95
CA HIS A 62 3.50 20.27 -9.34
C HIS A 62 5.01 20.37 -9.42
N GLU A 63 5.57 21.40 -8.80
CA GLU A 63 7.01 21.65 -8.85
C GLU A 63 7.80 20.49 -8.23
N ASP A 64 7.39 20.07 -7.05
CA ASP A 64 8.05 18.95 -6.37
C ASP A 64 8.01 17.67 -7.21
N ILE A 65 6.85 17.36 -7.76
CA ILE A 65 6.69 16.17 -8.59
C ILE A 65 7.62 16.23 -9.80
N ILE A 66 7.71 17.41 -10.41
CA ILE A 66 8.62 17.62 -11.53
C ILE A 66 10.06 17.34 -11.11
N SER A 67 10.48 17.93 -10.01
CA SER A 67 11.84 17.74 -9.50
C SER A 67 12.06 16.27 -9.16
N LEU A 68 11.04 15.65 -8.59
CA LEU A 68 11.07 14.22 -8.29
C LEU A 68 11.43 13.42 -9.53
N TRP A 69 10.72 13.70 -10.63
CA TRP A 69 10.95 13.01 -11.89
C TRP A 69 12.29 13.36 -12.51
N ASP A 70 12.74 14.59 -12.31
CA ASP A 70 14.02 15.03 -12.84
C ASP A 70 15.12 14.14 -12.32
N GLU A 71 15.09 13.87 -11.01
CA GLU A 71 16.06 13.01 -10.36
C GLU A 71 15.79 11.55 -10.71
N SER A 72 14.55 11.14 -10.47
CA SER A 72 14.13 9.76 -10.67
C SER A 72 14.27 9.32 -12.13
N LEU A 73 13.30 9.73 -12.95
CA LEU A 73 13.26 9.28 -14.35
C LEU A 73 14.11 10.14 -15.27
N LYS A 74 15.35 9.71 -15.49
CA LYS A 74 16.25 10.37 -16.41
C LYS A 74 16.02 9.85 -17.82
N PRO A 75 15.68 10.75 -18.75
CA PRO A 75 15.52 10.36 -20.15
C PRO A 75 16.87 10.14 -20.81
N CYS A 76 17.00 9.14 -21.68
CA CYS A 76 18.21 8.99 -22.47
C CYS A 76 18.47 10.31 -23.20
N VAL A 77 17.43 10.83 -23.84
CA VAL A 77 17.52 12.09 -24.54
C VAL A 77 16.35 13.00 -24.18
N LYS A 78 16.65 14.27 -23.90
CA LYS A 78 15.62 15.25 -23.58
C LYS A 78 15.65 16.38 -24.61
N LEU A 79 14.91 16.19 -25.70
CA LEU A 79 14.88 17.16 -26.79
C LEU A 79 13.93 18.32 -26.50
N THR A 80 14.50 19.48 -26.20
CA THR A 80 13.73 20.67 -25.93
C THR A 80 13.92 21.72 -27.02
N GLY A 81 13.19 21.56 -28.12
CA GLY A 81 13.18 22.54 -29.20
C GLY A 81 14.52 22.72 -29.88
N GLY A 82 14.90 21.76 -30.72
CA GLY A 82 16.12 21.87 -31.49
C GLY A 82 17.39 21.68 -30.68
N SER A 83 17.24 21.54 -29.36
CA SER A 83 18.39 21.32 -28.49
C SER A 83 18.21 20.06 -27.66
N ALA A 84 19.11 19.10 -27.85
CA ALA A 84 18.99 17.80 -27.20
C ALA A 84 20.02 17.59 -26.10
N ILE A 85 19.60 16.95 -25.00
CA ILE A 85 20.51 16.59 -23.93
C ILE A 85 20.55 15.08 -23.78
N THR A 86 21.75 14.52 -23.62
CA THR A 86 21.88 13.10 -23.36
C THR A 86 22.39 12.87 -21.95
N GLN A 87 22.12 11.70 -21.40
CA GLN A 87 22.56 11.38 -20.04
C GLN A 87 22.21 9.95 -19.66
N ALA A 88 22.69 9.55 -18.48
CA ALA A 88 22.47 8.20 -17.98
C ALA A 88 21.00 8.00 -17.65
N CYS A 89 20.37 7.06 -18.35
CA CYS A 89 18.97 6.72 -18.11
C CYS A 89 18.83 5.25 -17.72
N PRO A 90 19.30 4.91 -16.50
CA PRO A 90 19.20 3.54 -15.99
C PRO A 90 17.78 3.18 -15.60
N LYS A 91 17.34 1.97 -15.94
CA LYS A 91 16.07 1.46 -15.47
C LYS A 91 16.08 1.46 -13.94
N VAL A 92 14.95 1.81 -13.32
CA VAL A 92 14.92 2.00 -11.88
C VAL A 92 13.60 1.55 -11.24
N SER A 93 13.60 1.35 -9.93
CA SER A 93 12.39 1.04 -9.19
C SER A 93 11.50 2.28 -9.08
N PHE A 94 10.27 2.16 -9.56
CA PHE A 94 9.34 3.29 -9.61
C PHE A 94 7.95 2.87 -9.13
N ASP A 95 7.45 3.57 -8.13
CA ASP A 95 6.12 3.30 -7.58
C ASP A 95 5.72 4.37 -6.57
N PRO A 96 4.85 5.30 -7.00
CA PRO A 96 4.42 6.46 -6.21
C PRO A 96 4.11 6.15 -4.75
N ILE A 97 4.36 7.14 -3.90
CA ILE A 97 4.13 7.04 -2.47
C ILE A 97 3.19 8.16 -2.03
N PRO A 98 2.35 7.89 -1.02
CA PRO A 98 1.49 8.96 -0.49
C PRO A 98 2.32 10.11 0.04
N LEU A 99 1.96 11.34 -0.34
CA LEU A 99 2.65 12.53 0.12
C LEU A 99 1.71 13.41 0.94
N HIS A 100 2.20 13.94 2.06
CA HIS A 100 1.42 14.86 2.86
C HIS A 100 2.08 16.24 2.85
N TYR A 101 1.47 17.18 2.13
CA TYR A 101 1.99 18.53 2.11
C TYR A 101 1.59 19.28 3.39
N CYS A 102 2.58 19.71 4.15
CA CYS A 102 2.33 20.33 5.44
C CYS A 102 2.64 21.82 5.43
N ALA A 103 2.06 22.55 6.37
CA ALA A 103 2.23 24.00 6.45
C ALA A 103 3.31 24.36 7.44
N PRO A 104 4.10 25.41 7.12
CA PRO A 104 5.17 25.91 8.00
C PRO A 104 4.62 26.36 9.35
N ALA A 105 5.51 26.67 10.28
CA ALA A 105 5.10 27.18 11.58
C ALA A 105 4.49 28.57 11.43
N GLY A 106 3.32 28.77 12.03
CA GLY A 106 2.62 30.03 11.92
C GLY A 106 1.53 29.96 10.87
N PHE A 107 1.55 28.90 10.08
CA PHE A 107 0.54 28.67 9.07
C PHE A 107 -0.19 27.37 9.33
N ALA A 108 -1.38 27.22 8.74
CA ALA A 108 -2.18 26.01 8.91
C ALA A 108 -2.91 25.65 7.63
N ILE A 109 -3.64 24.55 7.65
CA ILE A 109 -4.39 24.09 6.48
C ILE A 109 -5.86 23.93 6.81
N LEU A 110 -6.73 24.44 5.93
CA LEU A 110 -8.17 24.26 6.05
C LEU A 110 -8.63 23.03 5.29
N LYS A 111 -9.53 22.26 5.90
CA LYS A 111 -10.00 21.01 5.31
C LYS A 111 -11.53 20.97 5.26
N CYS A 112 -12.09 21.00 4.06
CA CYS A 112 -13.54 20.96 3.87
C CYS A 112 -14.09 19.57 4.21
N ASN A 113 -14.96 19.50 5.21
CA ASN A 113 -15.52 18.24 5.65
C ASN A 113 -16.87 17.92 5.01
N ASN A 114 -17.27 18.74 4.05
CA ASN A 114 -18.46 18.47 3.25
C ASN A 114 -18.17 17.35 2.26
N LYS A 115 -18.83 16.21 2.46
CA LYS A 115 -18.61 15.05 1.62
C LYS A 115 -19.33 15.16 0.28
N THR A 116 -19.50 16.39 -0.20
CA THR A 116 -20.17 16.64 -1.46
C THR A 116 -19.64 17.92 -2.10
N PHE A 117 -18.59 18.47 -1.49
CA PHE A 117 -18.01 19.72 -1.96
C PHE A 117 -17.39 19.56 -3.35
N ASN A 118 -17.85 20.36 -4.30
CA ASN A 118 -17.38 20.28 -5.67
C ASN A 118 -15.99 20.90 -5.87
N GLY A 119 -15.44 21.46 -4.79
CA GLY A 119 -14.09 22.01 -4.83
C GLY A 119 -14.06 23.50 -5.17
N THR A 120 -15.23 24.12 -5.23
CA THR A 120 -15.32 25.54 -5.56
C THR A 120 -16.56 26.19 -4.95
N GLY A 121 -16.35 27.15 -4.07
CA GLY A 121 -17.46 27.82 -3.41
C GLY A 121 -17.38 27.72 -1.90
N PRO A 122 -18.44 28.16 -1.20
CA PRO A 122 -18.50 28.14 0.27
C PRO A 122 -18.51 26.70 0.82
N CYS A 123 -18.28 26.58 2.12
CA CYS A 123 -18.29 25.29 2.80
C CYS A 123 -18.48 25.48 4.30
N ARG A 124 -19.69 25.21 4.77
CA ARG A 124 -20.06 25.48 6.16
C ARG A 124 -19.46 24.47 7.14
N ASN A 125 -18.73 23.49 6.61
CA ASN A 125 -18.13 22.45 7.43
C ASN A 125 -16.62 22.41 7.23
N VAL A 126 -15.88 22.95 8.18
CA VAL A 126 -14.43 23.10 8.05
C VAL A 126 -13.67 22.49 9.23
N SER A 127 -12.35 22.36 9.06
CA SER A 127 -11.48 21.85 10.11
C SER A 127 -10.06 22.39 9.89
N THR A 128 -9.09 21.84 10.62
CA THR A 128 -7.70 22.30 10.51
C THR A 128 -6.68 21.20 10.81
N VAL A 129 -5.71 21.05 9.92
CA VAL A 129 -4.64 20.08 10.10
C VAL A 129 -3.32 20.66 9.62
N GLN A 130 -2.21 20.16 10.17
CA GLN A 130 -0.90 20.64 9.78
C GLN A 130 -0.48 20.02 8.45
N CYS A 131 -0.76 18.72 8.31
CA CYS A 131 -0.46 18.00 7.08
C CYS A 131 -1.74 17.65 6.34
N THR A 132 -1.60 17.12 5.14
CA THR A 132 -2.74 16.67 4.36
C THR A 132 -2.86 15.17 4.47
N HIS A 133 -3.69 14.58 3.61
CA HIS A 133 -3.80 13.13 3.54
C HIS A 133 -2.78 12.61 2.53
N GLY A 134 -2.37 11.36 2.71
CA GLY A 134 -1.39 10.76 1.82
C GLY A 134 -1.80 10.87 0.37
N ILE A 135 -0.89 11.32 -0.49
CA ILE A 135 -1.20 11.52 -1.90
C ILE A 135 -0.18 10.84 -2.82
N LYS A 136 -0.57 9.73 -3.42
CA LYS A 136 0.26 9.10 -4.44
C LYS A 136 0.33 10.04 -5.65
N PRO A 137 1.50 10.64 -5.90
CA PRO A 137 1.69 11.57 -7.02
C PRO A 137 1.72 10.80 -8.33
N VAL A 138 0.54 10.41 -8.82
CA VAL A 138 0.46 9.58 -10.02
C VAL A 138 0.23 10.40 -11.27
N VAL A 139 1.15 10.27 -12.22
CA VAL A 139 1.03 10.91 -13.52
C VAL A 139 0.23 10.05 -14.47
N SER A 140 -0.91 10.56 -14.92
CA SER A 140 -1.75 9.82 -15.85
C SER A 140 -2.75 10.74 -16.53
N THR A 141 -3.23 10.33 -17.70
CA THR A 141 -4.23 11.10 -18.42
C THR A 141 -5.54 10.32 -18.54
N GLN A 142 -6.65 11.05 -18.59
CA GLN A 142 -7.96 10.46 -18.82
C GLN A 142 -8.53 9.77 -17.59
N LEU A 143 -7.71 8.94 -16.95
CA LEU A 143 -8.14 8.21 -15.77
C LEU A 143 -7.25 8.50 -14.57
N LEU A 144 -7.88 8.84 -13.44
CA LEU A 144 -7.16 9.15 -12.22
C LEU A 144 -6.99 7.90 -11.35
N LEU A 145 -5.74 7.49 -11.15
CA LEU A 145 -5.47 6.21 -10.51
C LEU A 145 -4.95 6.35 -9.08
N ASN A 146 -5.27 5.35 -8.26
CA ASN A 146 -4.78 5.27 -6.90
C ASN A 146 -4.99 6.55 -6.08
N GLY A 147 -6.06 7.28 -6.39
CA GLY A 147 -6.44 8.44 -5.62
C GLY A 147 -7.47 8.07 -4.58
N SER A 148 -7.94 9.06 -3.83
CA SER A 148 -9.02 8.83 -2.88
C SER A 148 -10.35 8.91 -3.60
N LEU A 149 -11.39 8.33 -3.01
CA LEU A 149 -12.71 8.29 -3.62
C LEU A 149 -13.63 9.33 -2.99
N ALA A 150 -14.82 9.48 -3.57
CA ALA A 150 -15.86 10.29 -2.95
C ALA A 150 -16.59 9.42 -1.93
N GLU A 151 -16.64 9.89 -0.69
CA GLU A 151 -17.25 9.10 0.38
C GLU A 151 -18.69 8.72 0.06
N GLU A 152 -19.52 9.74 -0.15
CA GLU A 152 -20.93 9.49 -0.44
C GLU A 152 -21.19 9.27 -1.93
N GLU A 153 -21.67 10.31 -2.59
CA GLU A 153 -22.06 10.21 -4.00
C GLU A 153 -20.93 10.66 -4.91
N ILE A 154 -21.12 10.48 -6.21
CA ILE A 154 -20.16 10.99 -7.19
C ILE A 154 -20.19 12.51 -7.18
N ILE A 155 -19.02 13.13 -7.20
CA ILE A 155 -18.92 14.57 -7.28
C ILE A 155 -18.29 15.00 -8.60
N ILE A 156 -18.86 16.02 -9.22
CA ILE A 156 -18.34 16.54 -10.48
C ILE A 156 -17.75 17.94 -10.28
N ARG A 157 -16.55 18.16 -10.81
CA ARG A 157 -15.82 19.40 -10.59
C ARG A 157 -15.36 20.03 -11.89
N SER A 158 -15.75 21.28 -12.10
CA SER A 158 -15.26 22.05 -13.22
C SER A 158 -15.22 23.52 -12.87
N GLU A 159 -14.15 24.21 -13.26
CA GLU A 159 -14.01 25.63 -12.98
C GLU A 159 -15.16 26.39 -13.61
N ASN A 160 -15.64 25.89 -14.75
CA ASN A 160 -16.82 26.42 -15.43
C ASN A 160 -17.42 25.35 -16.32
N LEU A 161 -18.49 24.72 -15.85
CA LEU A 161 -19.08 23.59 -16.55
C LEU A 161 -19.72 23.96 -17.88
N THR A 162 -20.09 25.23 -18.03
CA THR A 162 -20.71 25.70 -19.26
C THR A 162 -19.65 26.00 -20.33
N ASN A 163 -18.39 26.08 -19.91
CA ASN A 163 -17.29 26.23 -20.84
C ASN A 163 -16.70 24.88 -21.22
N ASN A 164 -16.95 24.47 -22.47
CA ASN A 164 -16.52 23.16 -22.94
C ASN A 164 -15.01 22.96 -22.92
N ALA A 165 -14.27 24.06 -22.75
CA ALA A 165 -12.81 24.00 -22.78
C ALA A 165 -12.23 23.59 -21.44
N LYS A 166 -12.88 23.98 -20.35
CA LYS A 166 -12.41 23.61 -19.02
C LYS A 166 -12.48 22.10 -18.85
N THR A 167 -11.48 21.54 -18.17
CA THR A 167 -11.44 20.12 -17.90
C THR A 167 -12.36 19.78 -16.74
N ILE A 168 -13.14 18.72 -16.92
CA ILE A 168 -14.07 18.26 -15.91
C ILE A 168 -13.48 17.08 -15.15
N ILE A 169 -13.55 17.16 -13.83
CA ILE A 169 -13.02 16.11 -12.97
C ILE A 169 -14.13 15.32 -12.31
N VAL A 170 -14.23 14.05 -12.65
CA VAL A 170 -15.23 13.18 -12.04
C VAL A 170 -14.61 12.39 -10.89
N HIS A 171 -15.18 12.45 -9.74
CA HIS A 171 -14.67 11.76 -8.61
C HIS A 171 -15.57 10.62 -8.29
N LEU A 172 -15.16 9.39 -8.45
CA LEU A 172 -16.02 8.29 -8.17
C LEU A 172 -16.11 8.03 -6.71
N ASN A 173 -17.18 7.35 -6.34
CA ASN A 173 -17.44 6.78 -5.03
C ASN A 173 -16.91 5.41 -4.90
N GLU A 174 -16.64 4.82 -6.02
CA GLU A 174 -16.37 3.46 -6.13
C GLU A 174 -15.36 3.36 -7.18
N SER A 175 -14.25 2.80 -6.85
CA SER A 175 -13.16 2.65 -7.79
C SER A 175 -13.39 1.48 -8.74
N VAL A 176 -12.82 1.58 -9.94
CA VAL A 176 -12.87 0.49 -10.89
C VAL A 176 -11.47 -0.09 -11.04
N ASN A 177 -11.29 -1.34 -10.60
CA ASN A 177 -10.01 -2.00 -10.74
C ASN A 177 -9.57 -2.03 -12.20
N ILE A 178 -8.28 -1.77 -12.43
CA ILE A 178 -7.73 -1.82 -13.78
C ILE A 178 -6.36 -2.48 -13.72
N VAL A 179 -6.12 -3.42 -14.63
CA VAL A 179 -4.89 -4.20 -14.60
C VAL A 179 -4.18 -4.21 -15.95
N CYS A 180 -3.23 -3.30 -16.11
CA CYS A 180 -2.41 -3.24 -17.31
C CYS A 180 -1.21 -4.15 -17.15
N THR A 181 -0.90 -4.92 -18.19
CA THR A 181 0.23 -5.85 -18.11
C THR A 181 0.94 -6.05 -19.45
N ARG A 182 2.26 -6.16 -19.38
CA ARG A 182 3.08 -6.51 -20.54
C ARG A 182 3.64 -7.91 -20.31
N PRO A 183 2.99 -8.93 -20.90
CA PRO A 183 3.37 -10.33 -20.71
C PRO A 183 4.84 -10.58 -21.01
N ASN A 184 5.34 -11.74 -20.61
CA ASN A 184 6.75 -12.10 -20.84
C ASN A 184 7.32 -11.50 -22.12
N ASN A 193 5.45 -9.21 -29.42
CA ASN A 193 5.97 -7.85 -29.40
C ASN A 193 6.37 -7.43 -27.99
N ILE A 194 7.59 -6.93 -27.84
CA ILE A 194 8.13 -6.54 -26.54
C ILE A 194 7.50 -5.24 -26.06
N ARG A 195 6.96 -4.45 -26.99
CA ARG A 195 6.37 -3.16 -26.65
C ARG A 195 4.86 -3.28 -26.52
N GLN A 196 4.35 -4.50 -26.67
CA GLN A 196 2.91 -4.72 -26.71
C GLN A 196 2.36 -5.11 -25.35
N ALA A 197 1.45 -4.29 -24.84
CA ALA A 197 0.81 -4.53 -23.55
C ALA A 197 -0.72 -4.45 -23.70
N HIS A 198 -1.43 -4.59 -22.59
CA HIS A 198 -2.88 -4.43 -22.57
C HIS A 198 -3.38 -4.23 -21.14
N CYS A 199 -4.62 -3.79 -21.03
CA CYS A 199 -5.25 -3.56 -19.73
C CYS A 199 -6.66 -4.16 -19.70
N ASN A 200 -7.07 -4.62 -18.51
CA ASN A 200 -8.38 -5.23 -18.35
C ASN A 200 -9.29 -4.51 -17.37
N ILE A 201 -10.54 -4.32 -17.77
CA ILE A 201 -11.56 -3.71 -16.93
C ILE A 201 -12.84 -4.53 -17.04
N ASN A 202 -13.41 -4.93 -15.90
CA ASN A 202 -14.68 -5.65 -15.90
C ASN A 202 -15.84 -4.71 -16.26
N GLU A 203 -16.42 -4.95 -17.43
CA GLU A 203 -17.51 -4.11 -17.92
C GLU A 203 -18.54 -3.85 -16.83
N SER A 204 -18.99 -4.90 -16.18
CA SER A 204 -20.04 -4.80 -15.18
C SER A 204 -19.81 -3.60 -14.27
N LYS A 205 -18.61 -3.49 -13.72
CA LYS A 205 -18.30 -2.43 -12.78
C LYS A 205 -18.01 -1.12 -13.51
N TRP A 206 -17.61 -1.22 -14.76
CA TRP A 206 -17.43 -0.05 -15.59
C TRP A 206 -18.78 0.52 -16.00
N ASN A 207 -19.77 -0.36 -16.08
CA ASN A 207 -21.14 0.02 -16.44
C ASN A 207 -21.86 0.76 -15.32
N ASN A 208 -21.98 0.13 -14.17
CA ASN A 208 -22.52 0.79 -12.98
C ASN A 208 -21.92 2.17 -12.88
N THR A 209 -20.61 2.24 -13.06
CA THR A 209 -19.87 3.49 -13.02
C THR A 209 -20.44 4.50 -14.00
N LEU A 210 -20.17 4.31 -15.29
CA LEU A 210 -20.57 5.26 -16.31
C LEU A 210 -22.06 5.57 -16.27
N GLN A 211 -22.84 4.71 -15.63
CA GLN A 211 -24.25 4.99 -15.42
C GLN A 211 -24.36 6.07 -14.35
N LYS A 212 -23.93 5.73 -13.14
CA LYS A 212 -23.94 6.69 -12.04
C LYS A 212 -23.36 8.03 -12.49
N VAL A 213 -22.26 7.97 -13.23
CA VAL A 213 -21.62 9.16 -13.78
C VAL A 213 -22.55 9.92 -14.72
N GLY A 214 -23.09 9.21 -15.70
CA GLY A 214 -24.01 9.81 -16.65
C GLY A 214 -25.19 10.45 -15.94
N GLU A 215 -25.67 9.77 -14.91
CA GLU A 215 -26.81 10.26 -14.13
C GLU A 215 -26.45 11.55 -13.40
N GLU A 216 -25.19 11.66 -12.97
CA GLU A 216 -24.72 12.86 -12.31
C GLU A 216 -24.54 13.99 -13.29
N LEU A 217 -23.91 13.69 -14.43
CA LEU A 217 -23.79 14.65 -15.52
C LEU A 217 -25.17 15.13 -15.95
N ALA A 218 -26.10 14.19 -16.06
CA ALA A 218 -27.47 14.48 -16.46
C ALA A 218 -28.11 15.52 -15.54
N LYS A 219 -27.70 15.55 -14.28
CA LYS A 219 -28.25 16.52 -13.35
C LYS A 219 -27.87 17.94 -13.73
N HIS A 220 -26.71 18.10 -14.37
CA HIS A 220 -26.23 19.42 -14.78
C HIS A 220 -26.70 19.76 -16.20
N PHE A 221 -27.36 18.82 -16.84
CA PHE A 221 -27.92 19.04 -18.17
C PHE A 221 -29.37 18.65 -18.22
N PRO A 222 -30.23 19.60 -18.62
CA PRO A 222 -31.69 19.49 -18.54
C PRO A 222 -32.20 18.18 -19.13
N SER A 223 -31.82 17.91 -20.37
CA SER A 223 -32.34 16.75 -21.10
C SER A 223 -31.68 16.64 -22.46
N LYS A 224 -30.51 16.01 -22.47
CA LYS A 224 -29.77 15.79 -23.71
C LYS A 224 -29.14 14.42 -23.68
N THR A 225 -29.18 13.72 -24.81
CA THR A 225 -28.52 12.43 -24.93
C THR A 225 -27.07 12.59 -24.55
N ILE A 226 -26.68 12.01 -23.41
CA ILE A 226 -25.30 12.12 -22.93
C ILE A 226 -24.43 10.98 -23.48
N LYS A 227 -23.50 11.34 -24.35
CA LYS A 227 -22.66 10.35 -25.02
C LYS A 227 -21.21 10.42 -24.57
N PHE A 228 -20.57 9.26 -24.49
CA PHE A 228 -19.16 9.18 -24.14
C PHE A 228 -18.37 8.65 -25.34
N GLU A 229 -17.50 9.48 -25.89
CA GLU A 229 -16.71 9.11 -27.05
C GLU A 229 -15.22 9.27 -26.79
N PRO A 230 -14.39 8.52 -27.54
CA PRO A 230 -12.94 8.62 -27.44
C PRO A 230 -12.45 10.05 -27.64
N SER A 231 -11.25 10.34 -27.15
CA SER A 231 -10.67 11.67 -27.31
C SER A 231 -10.47 11.97 -28.80
N SER A 232 -11.06 13.07 -29.25
CA SER A 232 -11.06 13.45 -30.67
C SER A 232 -9.75 13.10 -31.38
N GLY A 233 -8.68 13.82 -31.04
CA GLY A 233 -7.38 13.58 -31.63
C GLY A 233 -6.29 14.39 -30.95
N GLY A 234 -5.05 14.18 -31.37
CA GLY A 234 -3.93 14.90 -30.80
C GLY A 234 -2.80 13.99 -30.35
N ASP A 235 -2.04 14.45 -29.35
CA ASP A 235 -0.89 13.69 -28.85
C ASP A 235 -1.34 12.42 -28.12
N LEU A 236 -0.61 11.33 -28.34
CA LEU A 236 -0.95 10.05 -27.74
C LEU A 236 -1.12 10.13 -26.23
N GLU A 237 -0.38 11.03 -25.60
CA GLU A 237 -0.45 11.17 -24.15
C GLU A 237 -1.85 11.59 -23.72
N ILE A 238 -2.50 12.36 -24.57
CA ILE A 238 -3.81 12.92 -24.27
C ILE A 238 -4.95 12.16 -24.96
N THR A 239 -4.64 11.54 -26.10
CA THR A 239 -5.65 10.82 -26.87
C THR A 239 -5.69 9.33 -26.52
N THR A 240 -4.90 8.94 -25.53
CA THR A 240 -4.97 7.59 -24.98
C THR A 240 -4.71 7.69 -23.48
N HIS A 241 -5.11 6.66 -22.73
CA HIS A 241 -4.75 6.59 -21.32
C HIS A 241 -3.28 6.27 -21.17
N SER A 242 -2.47 7.30 -21.04
CA SER A 242 -1.04 7.13 -20.84
C SER A 242 -0.68 7.36 -19.38
N PHE A 243 0.29 6.58 -18.90
CA PHE A 243 0.73 6.67 -17.51
C PHE A 243 2.09 6.00 -17.36
N ASN A 244 2.67 6.08 -16.16
CA ASN A 244 3.93 5.39 -15.90
C ASN A 244 3.78 4.18 -14.99
N CYS A 245 4.01 3.00 -15.54
CA CYS A 245 3.96 1.76 -14.77
C CYS A 245 5.36 1.19 -14.59
N ARG A 246 5.88 1.32 -13.37
CA ARG A 246 7.20 0.79 -13.06
C ARG A 246 8.28 1.44 -13.92
N GLY A 247 8.25 2.76 -14.02
CA GLY A 247 9.20 3.49 -14.82
C GLY A 247 8.90 3.44 -16.30
N GLU A 248 8.09 2.47 -16.71
CA GLU A 248 7.75 2.30 -18.12
C GLU A 248 6.53 3.12 -18.50
N PHE A 249 6.53 3.67 -19.70
CA PHE A 249 5.45 4.53 -20.16
C PHE A 249 4.43 3.80 -21.04
N PHE A 250 3.25 3.54 -20.46
CA PHE A 250 2.18 2.84 -21.15
C PHE A 250 1.24 3.83 -21.84
N TYR A 251 0.97 3.56 -23.11
CA TYR A 251 -0.06 4.29 -23.84
C TYR A 251 -1.22 3.35 -24.18
N CYS A 252 -2.27 3.42 -23.36
CA CYS A 252 -3.40 2.49 -23.48
C CYS A 252 -4.53 3.05 -24.33
N ASN A 253 -4.85 2.35 -25.41
CA ASN A 253 -5.95 2.76 -26.28
C ASN A 253 -7.29 2.58 -25.57
N THR A 254 -8.10 3.64 -25.61
CA THR A 254 -9.28 3.74 -24.75
C THR A 254 -10.60 3.75 -25.51
N SER A 255 -10.54 3.61 -26.83
CA SER A 255 -11.73 3.74 -27.67
C SER A 255 -12.85 2.75 -27.31
N ASP A 256 -12.49 1.64 -26.70
CA ASP A 256 -13.50 0.65 -26.29
C ASP A 256 -13.97 0.88 -24.85
N LEU A 257 -13.47 1.94 -24.23
CA LEU A 257 -13.82 2.26 -22.85
C LEU A 257 -14.80 3.43 -22.79
N PHE A 258 -14.47 4.51 -23.48
CA PHE A 258 -15.36 5.66 -23.58
C PHE A 258 -16.17 5.56 -24.85
N ASN A 259 -17.12 4.62 -24.87
CA ASN A 259 -17.92 4.35 -26.05
C ASN A 259 -19.32 3.90 -25.66
N GLY A 260 -20.25 4.86 -25.58
CA GLY A 260 -21.63 4.53 -25.28
C GLY A 260 -22.48 5.73 -24.87
N THR A 261 -23.75 5.70 -25.24
CA THR A 261 -24.67 6.79 -24.90
C THR A 261 -25.58 6.39 -23.75
N TYR A 262 -25.80 7.31 -22.81
CA TYR A 262 -26.63 7.02 -21.64
C TYR A 262 -27.73 8.06 -21.46
N ARG A 263 -28.83 7.88 -22.18
CA ARG A 263 -29.95 8.82 -22.16
C ARG A 263 -31.21 8.21 -21.55
N ASN A 264 -31.99 9.04 -20.86
CA ASN A 264 -33.21 8.59 -20.21
C ASN A 264 -32.94 7.61 -19.08
N GLY A 265 -31.97 7.94 -18.24
CA GLY A 265 -31.61 7.09 -17.11
C GLY A 265 -31.14 5.73 -17.57
N THR A 266 -30.75 5.65 -18.83
CA THR A 266 -30.32 4.38 -19.41
C THR A 266 -28.80 4.28 -19.51
N TYR A 267 -28.33 3.13 -19.94
CA TYR A 267 -26.90 2.91 -20.12
C TYR A 267 -26.65 1.92 -21.25
N ASN A 268 -25.79 2.30 -22.19
CA ASN A 268 -25.45 1.44 -23.32
C ASN A 268 -24.00 1.66 -23.73
N HIS A 269 -23.22 0.57 -23.78
CA HIS A 269 -21.77 0.67 -23.99
C HIS A 269 -21.29 0.17 -25.36
N THR A 270 -20.03 -0.28 -25.43
CA THR A 270 -19.42 -0.76 -26.69
C THR A 270 -18.01 -1.34 -26.51
N GLY A 271 -17.75 -2.48 -27.15
CA GLY A 271 -16.42 -3.07 -27.21
C GLY A 271 -16.07 -3.97 -26.02
N ARG A 272 -16.34 -5.26 -26.15
CA ARG A 272 -16.22 -6.17 -25.01
C ARG A 272 -15.66 -7.55 -25.38
N SER A 273 -15.34 -8.34 -24.35
CA SER A 273 -14.82 -9.70 -24.55
C SER A 273 -15.76 -10.75 -23.98
N SER A 274 -15.63 -11.98 -24.45
CA SER A 274 -16.53 -13.07 -24.05
C SER A 274 -16.45 -13.38 -22.55
N ASN A 275 -15.38 -12.94 -21.91
CA ASN A 275 -15.25 -13.10 -20.46
C ASN A 275 -16.10 -12.07 -19.74
N GLY A 276 -16.50 -11.03 -20.47
CA GLY A 276 -17.27 -9.94 -19.91
C GLY A 276 -16.37 -8.82 -19.40
N THR A 277 -15.27 -8.60 -20.12
CA THR A 277 -14.31 -7.58 -19.73
C THR A 277 -13.83 -6.75 -20.92
N ILE A 278 -13.53 -5.49 -20.66
CA ILE A 278 -13.01 -4.58 -21.67
C ILE A 278 -11.49 -4.64 -21.69
N THR A 279 -10.92 -4.89 -22.87
CA THR A 279 -9.47 -4.96 -23.01
C THR A 279 -8.91 -3.77 -23.78
N LEU A 280 -7.99 -3.04 -23.15
CA LEU A 280 -7.35 -1.90 -23.78
C LEU A 280 -6.03 -2.33 -24.41
N GLN A 281 -5.76 -1.82 -25.60
CA GLN A 281 -4.52 -2.16 -26.29
C GLN A 281 -3.44 -1.12 -26.05
N CYS A 282 -2.47 -1.48 -25.21
CA CYS A 282 -1.41 -0.54 -24.84
C CYS A 282 -0.09 -0.80 -25.57
N LYS A 283 0.73 0.23 -25.60
CA LYS A 283 2.09 0.14 -26.12
C LYS A 283 3.01 0.84 -25.13
N ILE A 284 4.21 0.31 -24.95
CA ILE A 284 5.20 0.98 -24.13
C ILE A 284 6.12 1.79 -25.03
N LYS A 285 5.97 3.10 -25.02
CA LYS A 285 6.72 3.97 -25.91
C LYS A 285 8.03 4.47 -25.30
N GLN A 286 8.99 4.78 -26.16
CA GLN A 286 10.24 5.38 -25.73
C GLN A 286 10.18 6.88 -25.93
N ILE A 287 9.63 7.30 -27.06
CA ILE A 287 9.47 8.72 -27.35
C ILE A 287 8.19 9.26 -26.69
N ILE A 288 8.36 10.17 -25.73
CA ILE A 288 7.20 10.71 -25.02
C ILE A 288 7.18 12.23 -25.06
N ASN A 289 5.98 12.79 -24.92
CA ASN A 289 5.83 14.23 -24.76
C ASN A 289 5.73 14.59 -23.29
N MET A 290 6.73 15.33 -22.81
CA MET A 290 6.82 15.66 -21.39
C MET A 290 5.60 16.41 -20.90
N TRP A 291 5.11 16.00 -19.73
CA TRP A 291 4.00 16.66 -19.07
C TRP A 291 4.53 17.78 -18.19
N GLN A 292 5.83 17.80 -17.94
CA GLN A 292 6.45 18.80 -17.08
C GLN A 292 6.77 20.07 -17.86
N GLU A 293 7.19 19.87 -19.10
CA GLU A 293 7.68 20.96 -19.92
C GLU A 293 7.25 20.76 -21.36
N VAL A 294 7.25 21.85 -22.14
CA VAL A 294 7.02 21.74 -23.56
C VAL A 294 8.29 21.18 -24.19
N GLY A 295 8.38 19.86 -24.25
CA GLY A 295 9.55 19.20 -24.79
C GLY A 295 9.28 17.72 -24.95
N ARG A 296 10.26 17.00 -25.47
CA ARG A 296 10.12 15.55 -25.65
C ARG A 296 11.25 14.79 -24.97
N ALA A 297 10.89 13.69 -24.30
CA ALA A 297 11.87 12.85 -23.64
C ALA A 297 11.90 11.45 -24.23
N ILE A 298 13.09 10.90 -24.39
CA ILE A 298 13.26 9.56 -24.93
C ILE A 298 13.94 8.66 -23.91
N TYR A 299 13.38 7.48 -23.71
CA TYR A 299 13.88 6.57 -22.69
C TYR A 299 14.36 5.26 -23.30
N ALA A 300 14.92 4.40 -22.45
CA ALA A 300 15.43 3.12 -22.90
C ALA A 300 14.28 2.16 -23.18
N PRO A 301 14.53 1.14 -24.01
CA PRO A 301 13.53 0.10 -24.32
C PRO A 301 13.10 -0.61 -23.05
N PRO A 302 11.89 -1.19 -23.06
CA PRO A 302 11.28 -1.82 -21.88
C PRO A 302 12.21 -2.80 -21.20
N ILE A 303 12.06 -2.91 -19.89
CA ILE A 303 12.76 -3.93 -19.12
C ILE A 303 12.15 -5.29 -19.44
N GLU A 304 12.79 -6.36 -18.98
CA GLU A 304 12.32 -7.71 -19.30
C GLU A 304 11.39 -8.25 -18.23
N GLY A 305 10.62 -9.28 -18.59
CA GLY A 305 9.70 -9.91 -17.66
C GLY A 305 8.30 -9.32 -17.69
N GLU A 306 7.42 -9.80 -16.82
CA GLU A 306 6.07 -9.28 -16.74
C GLU A 306 6.02 -7.90 -16.11
N ILE A 307 5.59 -6.91 -16.89
CA ILE A 307 5.36 -5.58 -16.37
C ILE A 307 3.85 -5.38 -16.19
N THR A 308 3.35 -5.67 -15.00
CA THR A 308 1.93 -5.49 -14.71
C THR A 308 1.71 -4.37 -13.71
N CYS A 309 0.57 -3.70 -13.82
CA CYS A 309 0.20 -2.63 -12.92
C CYS A 309 -1.25 -2.78 -12.48
N ASN A 310 -1.45 -3.14 -11.22
CA ASN A 310 -2.80 -3.28 -10.67
C ASN A 310 -3.24 -2.00 -9.97
N SER A 311 -3.98 -1.17 -10.70
CA SER A 311 -4.40 0.12 -10.17
C SER A 311 -5.91 0.18 -10.00
N ASN A 312 -6.38 1.24 -9.37
CA ASN A 312 -7.80 1.48 -9.21
C ASN A 312 -8.18 2.82 -9.82
N ILE A 313 -9.12 2.80 -10.75
CA ILE A 313 -9.63 4.03 -11.33
C ILE A 313 -10.59 4.70 -10.35
N THR A 314 -10.13 5.80 -9.74
CA THR A 314 -10.89 6.47 -8.71
C THR A 314 -11.44 7.80 -9.19
N GLY A 315 -11.04 8.19 -10.40
CA GLY A 315 -11.49 9.46 -10.96
C GLY A 315 -11.37 9.52 -12.46
N LEU A 316 -12.07 10.48 -13.06
CA LEU A 316 -12.05 10.66 -14.51
C LEU A 316 -11.79 12.11 -14.89
N LEU A 317 -11.10 12.31 -16.01
CA LEU A 317 -10.90 13.64 -16.56
C LEU A 317 -11.60 13.69 -17.91
N LEU A 318 -12.54 14.61 -18.06
CA LEU A 318 -13.34 14.67 -19.29
C LEU A 318 -13.36 16.04 -19.95
N LEU A 319 -14.03 16.12 -21.08
CA LEU A 319 -14.14 17.37 -21.84
C LEU A 319 -15.37 17.37 -22.74
N ARG A 320 -16.33 18.24 -22.42
CA ARG A 320 -17.54 18.38 -23.21
C ARG A 320 -17.23 19.09 -24.53
N ASP A 321 -18.12 18.93 -25.50
CA ASP A 321 -17.94 19.56 -26.81
C ASP A 321 -18.64 20.91 -26.87
N GLY A 322 -19.88 20.95 -26.39
CA GLY A 322 -20.66 22.18 -26.40
C GLY A 322 -21.12 22.56 -27.80
N GLY A 323 -20.90 23.83 -28.14
CA GLY A 323 -21.28 24.33 -29.45
C GLY A 323 -22.68 24.94 -29.45
N ASN A 329 -27.17 19.43 -30.53
CA ASN A 329 -28.58 19.67 -30.24
C ASN A 329 -29.26 18.49 -29.57
N ASP A 330 -29.49 18.60 -28.27
CA ASP A 330 -30.14 17.54 -27.51
C ASP A 330 -29.19 16.35 -27.31
N THR A 331 -27.89 16.60 -27.53
CA THR A 331 -26.89 15.56 -27.37
C THR A 331 -25.54 16.10 -26.89
N GLU A 332 -25.28 15.98 -25.60
CA GLU A 332 -24.00 16.39 -25.03
C GLU A 332 -23.03 15.19 -25.02
N THR A 333 -21.89 15.35 -25.68
CA THR A 333 -20.91 14.27 -25.76
C THR A 333 -19.63 14.62 -25.04
N PHE A 334 -19.20 13.73 -24.15
CA PHE A 334 -17.98 13.94 -23.38
C PHE A 334 -16.85 13.07 -23.91
N ARG A 335 -15.62 13.54 -23.76
CA ARG A 335 -14.44 12.82 -24.23
C ARG A 335 -13.36 12.85 -23.16
N PRO A 336 -12.59 11.75 -23.06
CA PRO A 336 -11.48 11.68 -22.11
C PRO A 336 -10.48 12.80 -22.38
N GLY A 337 -9.89 13.34 -21.32
CA GLY A 337 -8.96 14.44 -21.46
C GLY A 337 -7.67 14.23 -20.68
N GLY A 338 -7.11 15.32 -20.16
CA GLY A 338 -5.88 15.26 -19.43
C GLY A 338 -4.73 15.94 -20.14
N GLY A 339 -3.60 16.06 -19.47
CA GLY A 339 -2.44 16.74 -20.02
C GLY A 339 -1.81 17.61 -18.96
N ASP A 340 -2.58 18.58 -18.46
CA ASP A 340 -2.16 19.39 -17.33
C ASP A 340 -2.28 18.56 -16.06
N MET A 341 -1.15 18.04 -15.58
CA MET A 341 -1.14 17.17 -14.41
C MET A 341 -1.57 17.90 -13.16
N ARG A 342 -1.61 19.23 -13.23
CA ARG A 342 -2.07 20.02 -12.08
C ARG A 342 -3.47 19.58 -11.67
N ASP A 343 -4.26 19.14 -12.65
CA ASP A 343 -5.61 18.67 -12.38
C ASP A 343 -5.59 17.35 -11.63
N ASN A 344 -4.65 16.48 -11.98
CA ASN A 344 -4.46 15.21 -11.29
C ASN A 344 -4.23 15.42 -9.81
N TRP A 345 -3.88 16.64 -9.45
CA TRP A 345 -3.52 16.95 -8.08
C TRP A 345 -4.47 17.97 -7.49
N ARG A 346 -5.35 18.49 -8.33
CA ARG A 346 -6.49 19.25 -7.86
C ARG A 346 -7.52 18.26 -7.34
N SER A 347 -7.52 17.06 -7.93
CA SER A 347 -8.47 16.02 -7.56
C SER A 347 -8.25 15.54 -6.12
N GLU A 348 -7.12 15.89 -5.54
CA GLU A 348 -6.79 15.43 -4.20
C GLU A 348 -6.59 16.59 -3.24
N LEU A 349 -6.37 17.78 -3.78
CA LEU A 349 -6.15 18.98 -2.99
C LEU A 349 -7.34 19.93 -3.04
N TYR A 350 -8.40 19.49 -3.69
CA TYR A 350 -9.62 20.28 -3.81
C TYR A 350 -10.20 20.57 -2.44
N LYS A 351 -9.94 19.66 -1.50
CA LYS A 351 -10.42 19.76 -0.14
C LYS A 351 -9.68 20.83 0.66
N TYR A 352 -8.44 21.10 0.27
CA TYR A 352 -7.54 21.89 1.12
C TYR A 352 -7.38 23.35 0.71
N LYS A 353 -6.83 24.14 1.62
CA LYS A 353 -6.64 25.57 1.43
C LYS A 353 -5.73 26.10 2.54
N VAL A 354 -4.57 26.64 2.15
CA VAL A 354 -3.60 27.13 3.12
C VAL A 354 -4.00 28.49 3.70
N VAL A 355 -4.21 28.52 5.02
CA VAL A 355 -4.65 29.72 5.70
C VAL A 355 -3.57 30.26 6.64
N GLU A 356 -3.55 31.58 6.83
CA GLU A 356 -2.61 32.20 7.75
C GLU A 356 -3.26 32.48 9.10
N ILE A 357 -2.68 31.92 10.16
CA ILE A 357 -3.23 32.04 11.50
C ILE A 357 -3.08 33.46 12.05
N LYS A 358 -2.37 34.31 11.29
CA LYS A 358 -2.13 35.69 11.70
C LYS A 358 -3.42 36.44 11.98
N VAL B 1 23.35 -28.99 -11.32
CA VAL B 1 24.19 -29.14 -10.13
C VAL B 1 23.61 -28.37 -8.94
N TRP B 2 22.50 -28.88 -8.40
CA TRP B 2 21.85 -28.25 -7.25
C TRP B 2 21.32 -29.30 -6.30
N LYS B 3 21.18 -28.93 -5.03
CA LYS B 3 20.63 -29.83 -4.02
C LYS B 3 20.27 -29.07 -2.74
N GLU B 4 19.96 -29.82 -1.68
CA GLU B 4 19.53 -29.21 -0.42
C GLU B 4 20.57 -29.42 0.68
N ALA B 5 21.18 -28.33 1.14
CA ALA B 5 22.24 -28.42 2.12
C ALA B 5 22.16 -27.34 3.20
N LYS B 6 22.74 -27.62 4.37
CA LYS B 6 22.79 -26.67 5.47
C LYS B 6 24.12 -25.94 5.51
N THR B 7 24.06 -24.61 5.48
CA THR B 7 25.27 -23.79 5.59
C THR B 7 25.02 -22.58 6.47
N THR B 8 26.03 -22.21 7.25
CA THR B 8 25.93 -21.04 8.10
C THR B 8 25.85 -19.76 7.27
N LEU B 9 24.67 -19.16 7.24
CA LEU B 9 24.44 -17.94 6.49
C LEU B 9 25.02 -16.71 7.18
N PHE B 10 24.62 -15.54 6.69
CA PHE B 10 25.03 -14.28 7.28
C PHE B 10 24.11 -13.18 6.79
N CYS B 11 23.93 -12.16 7.62
CA CYS B 11 22.98 -11.08 7.31
C CYS B 11 23.66 -9.85 6.72
N ALA B 12 22.98 -9.21 5.78
CA ALA B 12 23.44 -7.97 5.18
C ALA B 12 22.39 -6.89 5.39
N SER B 13 22.81 -5.73 5.91
CA SER B 13 21.86 -4.67 6.24
C SER B 13 22.22 -3.33 5.61
N ASP B 14 21.21 -2.47 5.49
CA ASP B 14 21.40 -1.10 5.01
C ASP B 14 21.43 -0.18 6.23
N ALA B 15 22.06 -0.66 7.29
CA ALA B 15 22.03 0.01 8.60
C ALA B 15 23.12 1.06 8.75
N LYS B 16 22.77 2.16 9.41
CA LYS B 16 23.72 3.23 9.67
C LYS B 16 24.39 3.04 11.03
N ALA B 17 25.65 3.46 11.14
CA ALA B 17 26.43 3.25 12.36
C ALA B 17 26.35 4.43 13.32
N TYR B 18 25.80 5.54 12.85
CA TYR B 18 25.62 6.73 13.67
C TYR B 18 24.27 6.69 14.37
N GLU B 19 23.46 5.70 14.02
CA GLU B 19 22.11 5.57 14.57
C GLU B 19 22.14 4.86 15.91
N LYS B 20 21.26 5.28 16.83
CA LYS B 20 21.21 4.69 18.16
C LYS B 20 20.04 3.73 18.34
N GLU B 21 19.21 3.57 17.32
CA GLU B 21 18.19 2.54 17.36
C GLU B 21 18.85 1.20 17.53
N VAL B 22 18.44 0.45 18.54
CA VAL B 22 19.06 -0.83 18.86
C VAL B 22 19.17 -1.77 17.65
N HIS B 23 18.25 -1.63 16.70
CA HIS B 23 18.29 -2.46 15.50
C HIS B 23 19.52 -2.16 14.66
N ASN B 24 19.85 -0.89 14.53
CA ASN B 24 21.02 -0.46 13.77
C ASN B 24 22.30 -0.84 14.49
N VAL B 25 22.31 -0.73 15.81
CA VAL B 25 23.49 -0.99 16.61
C VAL B 25 23.93 -2.45 16.47
N TRP B 26 22.96 -3.36 16.55
CA TRP B 26 23.22 -4.78 16.35
C TRP B 26 23.60 -5.06 14.90
N ALA B 27 22.79 -4.55 13.98
CA ALA B 27 22.98 -4.80 12.56
C ALA B 27 24.41 -4.47 12.09
N THR B 28 24.76 -3.20 12.13
CA THR B 28 26.06 -2.75 11.63
C THR B 28 27.24 -3.59 12.13
N HIS B 29 27.13 -4.14 13.34
CA HIS B 29 28.21 -4.93 13.91
C HIS B 29 28.08 -6.42 13.60
N ALA B 30 26.84 -6.91 13.58
CA ALA B 30 26.59 -8.33 13.34
C ALA B 30 26.37 -8.62 11.86
N CYS B 31 26.07 -7.58 11.10
CA CYS B 31 25.76 -7.73 9.68
C CYS B 31 26.79 -7.09 8.78
N VAL B 32 26.50 -7.09 7.49
CA VAL B 32 27.40 -6.55 6.48
C VAL B 32 26.60 -5.63 5.55
N PRO B 33 27.19 -4.49 5.15
CA PRO B 33 26.50 -3.57 4.25
C PRO B 33 25.85 -4.30 3.08
N THR B 34 24.70 -3.79 2.63
CA THR B 34 24.00 -4.40 1.49
C THR B 34 24.90 -4.42 0.26
N ASP B 35 24.58 -5.32 -0.68
CA ASP B 35 25.41 -5.56 -1.85
C ASP B 35 25.98 -4.28 -2.48
N PRO B 36 25.14 -3.27 -2.71
CA PRO B 36 23.67 -3.25 -2.57
C PRO B 36 22.92 -3.57 -3.87
N ASN B 37 23.58 -4.19 -4.83
CA ASN B 37 22.91 -4.53 -6.09
C ASN B 37 23.47 -5.79 -6.75
N PRO B 38 23.02 -6.97 -6.28
CA PRO B 38 23.29 -8.24 -6.94
C PRO B 38 22.31 -8.42 -8.09
N GLN B 39 22.13 -9.62 -8.60
CA GLN B 39 21.19 -9.84 -9.68
C GLN B 39 20.57 -11.23 -9.66
N GLU B 40 19.27 -11.29 -9.94
CA GLU B 40 18.56 -12.56 -9.98
C GLU B 40 18.98 -13.37 -11.20
N MET B 41 19.36 -14.62 -10.96
CA MET B 41 19.75 -15.53 -12.03
C MET B 41 18.55 -16.37 -12.43
N VAL B 42 17.54 -15.72 -13.00
CA VAL B 42 16.28 -16.36 -13.34
C VAL B 42 16.48 -17.66 -14.10
N LEU B 43 15.55 -18.61 -13.91
CA LEU B 43 15.67 -19.92 -14.53
C LEU B 43 14.34 -20.41 -15.10
N ALA B 44 14.41 -20.99 -16.30
CA ALA B 44 13.25 -21.64 -16.91
C ALA B 44 13.55 -23.13 -17.06
N ASN B 45 12.53 -23.92 -17.36
CA ASN B 45 12.69 -25.36 -17.51
C ASN B 45 13.11 -26.07 -16.23
N VAL B 46 12.95 -25.39 -15.10
CA VAL B 46 13.36 -25.96 -13.82
C VAL B 46 12.29 -25.85 -12.74
N THR B 47 12.05 -26.96 -12.05
CA THR B 47 11.09 -27.01 -10.96
C THR B 47 11.72 -27.63 -9.72
N GLU B 48 11.54 -26.98 -8.57
CA GLU B 48 12.11 -27.49 -7.33
C GLU B 48 11.08 -27.63 -6.22
N ASN B 49 11.41 -28.42 -5.21
CA ASN B 49 10.50 -28.67 -4.10
C ASN B 49 10.87 -27.86 -2.86
N PHE B 50 10.02 -26.89 -2.52
CA PHE B 50 10.22 -26.07 -1.34
C PHE B 50 9.35 -26.57 -0.18
N ASN B 51 9.76 -26.24 1.04
CA ASN B 51 8.95 -26.51 2.21
C ASN B 51 9.21 -25.47 3.29
N MET B 52 8.39 -24.43 3.32
CA MET B 52 8.56 -23.31 4.24
C MET B 52 8.49 -23.74 5.71
N TRP B 53 8.16 -25.00 5.95
CA TRP B 53 7.97 -25.50 7.31
C TRP B 53 9.15 -26.30 7.81
N LYS B 54 10.02 -26.73 6.88
CA LYS B 54 11.24 -27.44 7.24
C LYS B 54 12.45 -26.79 6.56
N ASN B 55 12.65 -25.51 6.84
CA ASN B 55 13.70 -24.72 6.22
C ASN B 55 14.59 -24.05 7.27
N ASP B 56 15.89 -24.38 7.25
CA ASP B 56 16.81 -23.91 8.28
C ASP B 56 17.02 -22.40 8.26
N MET B 57 16.83 -21.78 7.10
CA MET B 57 16.97 -20.33 6.97
C MET B 57 16.23 -19.64 8.11
N VAL B 58 15.06 -20.17 8.44
CA VAL B 58 14.21 -19.60 9.46
C VAL B 58 14.83 -19.73 10.85
N GLU B 59 15.31 -20.92 11.18
CA GLU B 59 15.91 -21.16 12.48
C GLU B 59 17.13 -20.27 12.73
N GLN B 60 17.90 -19.99 11.70
CA GLN B 60 19.03 -19.08 11.83
C GLN B 60 18.56 -17.66 12.10
N MET B 61 17.54 -17.23 11.35
CA MET B 61 16.97 -15.91 11.58
C MET B 61 16.46 -15.81 13.00
N HIS B 62 15.86 -16.89 13.47
CA HIS B 62 15.32 -16.95 14.83
C HIS B 62 16.41 -16.64 15.84
N GLU B 63 17.53 -17.33 15.73
CA GLU B 63 18.62 -17.19 16.69
C GLU B 63 19.24 -15.80 16.66
N ASP B 64 19.31 -15.20 15.47
CA ASP B 64 19.87 -13.87 15.34
C ASP B 64 18.97 -12.80 15.94
N ILE B 65 17.66 -12.96 15.75
CA ILE B 65 16.71 -12.02 16.32
C ILE B 65 16.69 -12.14 17.83
N ILE B 66 16.87 -13.36 18.33
CA ILE B 66 16.96 -13.59 19.76
C ILE B 66 18.15 -12.82 20.33
N SER B 67 19.31 -13.02 19.71
CA SER B 67 20.53 -12.32 20.10
C SER B 67 20.34 -10.82 19.96
N LEU B 68 19.80 -10.40 18.83
CA LEU B 68 19.47 -9.01 18.59
C LEU B 68 18.72 -8.45 19.80
N TRP B 69 17.62 -9.11 20.15
CA TRP B 69 16.83 -8.73 21.32
C TRP B 69 17.64 -8.81 22.60
N ASP B 70 18.50 -9.82 22.70
CA ASP B 70 19.33 -10.02 23.88
C ASP B 70 20.12 -8.76 24.19
N GLU B 71 20.69 -8.15 23.14
CA GLU B 71 21.44 -6.92 23.28
C GLU B 71 20.49 -5.75 23.39
N SER B 72 19.56 -5.69 22.44
CA SER B 72 18.65 -4.56 22.29
C SER B 72 17.74 -4.35 23.48
N LEU B 73 16.79 -5.27 23.66
CA LEU B 73 15.79 -5.14 24.70
C LEU B 73 16.22 -5.79 26.02
N LYS B 74 16.75 -4.96 26.91
CA LYS B 74 17.17 -5.44 28.23
C LYS B 74 16.00 -5.44 29.20
N PRO B 75 15.64 -6.62 29.71
CA PRO B 75 14.62 -6.65 30.77
C PRO B 75 15.21 -6.14 32.06
N CYS B 76 14.42 -5.46 32.88
CA CYS B 76 14.86 -5.12 34.23
C CYS B 76 15.19 -6.41 34.94
N VAL B 77 14.33 -7.42 34.77
CA VAL B 77 14.53 -8.73 35.36
C VAL B 77 14.12 -9.83 34.39
N LYS B 78 14.91 -10.90 34.37
CA LYS B 78 14.66 -12.03 33.49
C LYS B 78 14.60 -13.32 34.30
N LEU B 79 13.40 -13.89 34.40
CA LEU B 79 13.17 -15.06 35.22
C LEU B 79 13.06 -16.34 34.37
N THR B 80 13.94 -17.29 34.64
CA THR B 80 13.93 -18.57 33.93
C THR B 80 14.27 -19.72 34.87
N GLY B 81 13.31 -20.62 35.06
CA GLY B 81 13.52 -21.76 35.95
C GLY B 81 13.75 -21.34 37.39
N GLY B 82 12.93 -20.41 37.87
CA GLY B 82 13.03 -19.93 39.23
C GLY B 82 14.31 -19.16 39.48
N SER B 83 15.06 -18.91 38.41
CA SER B 83 16.31 -18.18 38.50
C SER B 83 16.14 -16.78 37.92
N ALA B 84 16.14 -15.78 38.79
CA ALA B 84 15.92 -14.40 38.38
C ALA B 84 17.24 -13.70 38.07
N ILE B 85 17.25 -12.97 36.96
CA ILE B 85 18.43 -12.22 36.55
C ILE B 85 18.07 -10.77 36.27
N THR B 86 18.68 -9.84 37.01
CA THR B 86 18.37 -8.42 36.84
C THR B 86 19.50 -7.70 36.13
N GLN B 87 19.22 -6.52 35.60
CA GLN B 87 20.20 -5.75 34.85
C GLN B 87 19.64 -4.38 34.48
N ALA B 88 20.49 -3.55 33.88
CA ALA B 88 20.08 -2.23 33.44
C ALA B 88 19.09 -2.39 32.30
N CYS B 89 17.92 -1.77 32.44
CA CYS B 89 16.89 -1.84 31.41
C CYS B 89 16.53 -0.44 30.94
N PRO B 90 17.50 0.23 30.29
CA PRO B 90 17.31 1.62 29.86
C PRO B 90 16.36 1.68 28.67
N LYS B 91 15.38 2.57 28.75
CA LYS B 91 14.48 2.81 27.63
C LYS B 91 15.31 3.22 26.42
N VAL B 92 15.06 2.57 25.29
CA VAL B 92 15.91 2.76 24.11
C VAL B 92 15.08 2.95 22.84
N SER B 93 15.71 3.51 21.81
CA SER B 93 15.07 3.67 20.51
C SER B 93 14.96 2.32 19.81
N PHE B 94 13.74 1.95 19.44
CA PHE B 94 13.46 0.62 18.87
C PHE B 94 12.55 0.70 17.64
N ASP B 95 13.10 0.32 16.48
CA ASP B 95 12.32 0.27 15.24
C ASP B 95 13.00 -0.65 14.24
N PRO B 96 12.39 -1.82 13.96
CA PRO B 96 12.93 -2.88 13.11
C PRO B 96 13.48 -2.39 11.76
N ILE B 97 14.39 -3.17 11.20
CA ILE B 97 15.04 -2.85 9.93
C ILE B 97 15.00 -4.07 9.02
N PRO B 98 14.87 -3.86 7.70
CA PRO B 98 14.89 -4.98 6.76
C PRO B 98 16.20 -5.76 6.80
N LEU B 99 16.11 -7.07 6.99
CA LEU B 99 17.31 -7.92 7.02
C LEU B 99 17.35 -8.83 5.80
N HIS B 100 18.51 -8.87 5.13
CA HIS B 100 18.73 -9.77 4.02
C HIS B 100 19.67 -10.88 4.45
N TYR B 101 19.20 -12.12 4.37
CA TYR B 101 20.06 -13.26 4.70
C TYR B 101 20.74 -13.81 3.45
N CYS B 102 22.07 -13.74 3.43
CA CYS B 102 22.83 -14.10 2.25
C CYS B 102 23.56 -15.42 2.42
N ALA B 103 23.89 -16.06 1.31
CA ALA B 103 24.60 -17.33 1.33
C ALA B 103 26.11 -17.12 1.17
N PRO B 104 26.90 -17.88 1.95
CA PRO B 104 28.37 -17.82 1.89
C PRO B 104 28.91 -18.12 0.49
N ALA B 105 30.20 -17.97 0.30
CA ALA B 105 30.83 -18.30 -0.97
C ALA B 105 30.84 -19.81 -1.18
N GLY B 106 30.18 -20.26 -2.25
CA GLY B 106 30.06 -21.69 -2.52
C GLY B 106 28.62 -22.13 -2.48
N PHE B 107 27.75 -21.23 -2.03
CA PHE B 107 26.33 -21.51 -1.92
C PHE B 107 25.51 -20.42 -2.61
N ALA B 108 24.23 -20.70 -2.81
CA ALA B 108 23.31 -19.73 -3.38
C ALA B 108 21.97 -19.80 -2.67
N ILE B 109 20.98 -19.09 -3.20
CA ILE B 109 19.63 -19.13 -2.62
C ILE B 109 18.60 -19.33 -3.73
N LEU B 110 17.66 -20.25 -3.50
CA LEU B 110 16.60 -20.50 -4.47
C LEU B 110 15.36 -19.68 -4.15
N LYS B 111 14.86 -18.97 -5.15
CA LYS B 111 13.73 -18.07 -4.98
C LYS B 111 12.57 -18.46 -5.90
N CYS B 112 11.43 -18.78 -5.30
CA CYS B 112 10.26 -19.16 -6.07
C CYS B 112 9.60 -17.92 -6.66
N ASN B 113 9.39 -17.93 -7.97
CA ASN B 113 8.80 -16.78 -8.65
C ASN B 113 7.30 -16.96 -8.90
N ASN B 114 6.78 -18.15 -8.64
CA ASN B 114 5.35 -18.39 -8.73
C ASN B 114 4.60 -17.51 -7.72
N LYS B 115 3.72 -16.66 -8.23
CA LYS B 115 3.05 -15.67 -7.40
C LYS B 115 1.80 -16.24 -6.72
N THR B 116 1.78 -17.56 -6.53
CA THR B 116 0.63 -18.22 -5.90
C THR B 116 1.10 -19.43 -5.09
N PHE B 117 2.41 -19.59 -4.98
CA PHE B 117 3.00 -20.71 -4.25
C PHE B 117 2.58 -20.71 -2.78
N ASN B 118 2.17 -21.87 -2.28
CA ASN B 118 1.67 -21.97 -0.91
C ASN B 118 2.74 -22.30 0.13
N GLY B 119 4.00 -22.30 -0.31
CA GLY B 119 5.12 -22.52 0.58
C GLY B 119 5.54 -23.97 0.72
N THR B 120 4.69 -24.87 0.24
CA THR B 120 4.96 -26.31 0.34
C THR B 120 4.61 -27.03 -0.96
N GLY B 121 5.62 -27.60 -1.61
CA GLY B 121 5.41 -28.33 -2.85
C GLY B 121 6.33 -27.87 -3.97
N PRO B 122 6.14 -28.43 -5.18
CA PRO B 122 6.94 -28.11 -6.36
C PRO B 122 6.74 -26.66 -6.83
N CYS B 123 7.65 -26.17 -7.64
CA CYS B 123 7.58 -24.81 -8.17
C CYS B 123 8.37 -24.70 -9.46
N ARG B 124 7.65 -24.62 -10.57
CA ARG B 124 8.27 -24.66 -11.90
C ARG B 124 8.92 -23.33 -12.30
N ASN B 125 8.67 -22.28 -11.53
CA ASN B 125 9.24 -20.98 -11.80
C ASN B 125 10.22 -20.57 -10.71
N VAL B 126 11.50 -20.80 -10.93
CA VAL B 126 12.52 -20.57 -9.90
C VAL B 126 13.52 -19.50 -10.33
N SER B 127 14.40 -19.12 -9.40
CA SER B 127 15.44 -18.13 -9.68
C SER B 127 16.62 -18.36 -8.75
N THR B 128 17.52 -17.38 -8.65
CA THR B 128 18.70 -17.50 -7.81
C THR B 128 19.29 -16.14 -7.43
N VAL B 129 19.53 -15.94 -6.14
CA VAL B 129 20.15 -14.72 -5.64
C VAL B 129 21.11 -15.02 -4.48
N GLN B 130 22.04 -14.12 -4.24
CA GLN B 130 23.01 -14.29 -3.17
C GLN B 130 22.41 -13.97 -1.81
N CYS B 131 21.57 -12.93 -1.79
CA CYS B 131 20.90 -12.49 -0.57
C CYS B 131 19.39 -12.66 -0.73
N THR B 132 18.64 -12.19 0.26
CA THR B 132 17.18 -12.22 0.20
C THR B 132 16.64 -10.81 0.06
N HIS B 133 15.35 -10.64 0.33
CA HIS B 133 14.74 -9.32 0.29
C HIS B 133 14.68 -8.73 1.69
N GLY B 134 14.44 -7.41 1.77
CA GLY B 134 14.42 -6.72 3.04
C GLY B 134 13.34 -7.22 3.98
N ILE B 135 13.73 -8.08 4.92
CA ILE B 135 12.79 -8.68 5.85
C ILE B 135 12.82 -8.01 7.22
N LYS B 136 11.75 -7.30 7.56
CA LYS B 136 11.63 -6.72 8.89
C LYS B 136 11.33 -7.82 9.90
N PRO B 137 12.14 -7.91 10.96
CA PRO B 137 12.02 -8.95 11.98
C PRO B 137 11.00 -8.57 13.05
N VAL B 138 9.77 -8.30 12.62
CA VAL B 138 8.72 -7.85 13.53
C VAL B 138 8.18 -9.00 14.38
N VAL B 139 8.28 -8.84 15.70
CA VAL B 139 7.75 -9.83 16.63
C VAL B 139 6.31 -9.49 17.00
N SER B 140 5.38 -10.35 16.59
CA SER B 140 3.96 -10.14 16.88
C SER B 140 3.21 -11.46 16.92
N THR B 141 2.00 -11.43 17.50
CA THR B 141 1.13 -12.59 17.48
C THR B 141 -0.16 -12.23 16.75
N GLN B 142 -0.83 -13.26 16.20
CA GLN B 142 -2.10 -13.07 15.52
C GLN B 142 -1.97 -12.34 14.19
N LEU B 143 -1.68 -11.04 14.25
CA LEU B 143 -1.50 -10.24 13.04
C LEU B 143 -0.03 -10.12 12.67
N LEU B 144 0.27 -10.19 11.38
CA LEU B 144 1.62 -9.96 10.88
C LEU B 144 1.74 -8.53 10.38
N LEU B 145 2.80 -7.84 10.78
CA LEU B 145 2.91 -6.40 10.56
C LEU B 145 4.16 -6.01 9.80
N ASN B 146 4.02 -5.00 8.93
CA ASN B 146 5.14 -4.43 8.21
C ASN B 146 5.89 -5.46 7.36
N GLY B 147 5.16 -6.43 6.84
CA GLY B 147 5.75 -7.45 6.00
C GLY B 147 5.46 -7.22 4.54
N SER B 148 5.73 -8.23 3.72
CA SER B 148 5.45 -8.15 2.28
C SER B 148 4.05 -8.68 2.01
N LEU B 149 3.53 -8.40 0.82
CA LEU B 149 2.21 -8.86 0.45
C LEU B 149 2.26 -9.89 -0.69
N ALA B 150 1.18 -10.65 -0.82
CA ALA B 150 1.03 -11.55 -1.96
C ALA B 150 0.70 -10.71 -3.18
N GLU B 151 1.51 -10.85 -4.23
CA GLU B 151 1.37 -10.00 -5.41
C GLU B 151 -0.03 -10.07 -6.02
N GLU B 152 -0.53 -11.28 -6.21
CA GLU B 152 -1.83 -11.48 -6.86
C GLU B 152 -2.95 -11.72 -5.84
N GLU B 153 -3.37 -12.97 -5.71
CA GLU B 153 -4.48 -13.31 -4.82
C GLU B 153 -3.97 -13.59 -3.41
N ILE B 154 -4.90 -13.92 -2.52
CA ILE B 154 -4.54 -14.27 -1.14
C ILE B 154 -4.07 -15.72 -1.06
N ILE B 155 -2.90 -15.93 -0.46
CA ILE B 155 -2.36 -17.27 -0.31
C ILE B 155 -2.50 -17.79 1.12
N ILE B 156 -3.04 -18.99 1.26
CA ILE B 156 -3.15 -19.64 2.55
C ILE B 156 -2.05 -20.68 2.71
N ARG B 157 -1.43 -20.71 3.89
CA ARG B 157 -0.28 -21.57 4.12
C ARG B 157 -0.43 -22.40 5.39
N SER B 158 -0.22 -23.71 5.27
CA SER B 158 -0.24 -24.60 6.41
C SER B 158 0.51 -25.88 6.08
N GLU B 159 1.26 -26.40 7.05
CA GLU B 159 1.98 -27.66 6.88
C GLU B 159 0.98 -28.75 6.50
N ASN B 160 -0.22 -28.64 7.05
CA ASN B 160 -1.32 -29.55 6.76
C ASN B 160 -2.62 -28.98 7.29
N LEU B 161 -3.40 -28.37 6.38
CA LEU B 161 -4.66 -27.73 6.75
C LEU B 161 -5.62 -28.68 7.45
N THR B 162 -5.63 -29.93 7.02
CA THR B 162 -6.51 -30.93 7.63
C THR B 162 -6.13 -31.18 9.08
N ASN B 163 -4.97 -30.70 9.48
CA ASN B 163 -4.52 -30.82 10.86
C ASN B 163 -4.74 -29.52 11.62
N ASN B 164 -5.80 -29.50 12.43
CA ASN B 164 -6.19 -28.30 13.17
C ASN B 164 -5.06 -27.74 14.03
N ALA B 165 -4.17 -28.64 14.47
CA ALA B 165 -3.09 -28.28 15.37
C ALA B 165 -1.99 -27.45 14.69
N LYS B 166 -1.98 -27.46 13.36
CA LYS B 166 -0.99 -26.71 12.59
C LYS B 166 -1.43 -25.27 12.34
N THR B 167 -0.55 -24.32 12.63
CA THR B 167 -0.83 -22.91 12.40
C THR B 167 -0.99 -22.60 10.92
N ILE B 168 -1.93 -21.71 10.61
CA ILE B 168 -2.14 -21.27 9.24
C ILE B 168 -1.66 -19.84 9.07
N ILE B 169 -0.86 -19.60 8.05
CA ILE B 169 -0.40 -18.25 7.75
C ILE B 169 -1.14 -17.67 6.56
N VAL B 170 -1.87 -16.58 6.81
CA VAL B 170 -2.61 -15.91 5.76
C VAL B 170 -1.79 -14.80 5.15
N HIS B 171 -1.56 -14.87 3.84
CA HIS B 171 -0.84 -13.82 3.14
C HIS B 171 -1.85 -12.95 2.39
N LEU B 172 -1.82 -11.65 2.65
CA LEU B 172 -2.77 -10.74 2.03
C LEU B 172 -2.17 -10.12 0.77
N ASN B 173 -3.04 -9.70 -0.14
CA ASN B 173 -2.59 -8.97 -1.32
C ASN B 173 -2.84 -7.47 -1.15
N GLU B 174 -3.61 -7.14 -0.13
CA GLU B 174 -3.88 -5.74 0.21
C GLU B 174 -3.83 -5.59 1.73
N SER B 175 -2.84 -4.87 2.23
CA SER B 175 -2.64 -4.72 3.66
C SER B 175 -3.70 -3.86 4.32
N VAL B 176 -3.83 -3.99 5.64
CA VAL B 176 -4.75 -3.17 6.43
C VAL B 176 -3.95 -2.31 7.40
N ASN B 177 -4.04 -1.00 7.24
CA ASN B 177 -3.35 -0.09 8.14
C ASN B 177 -3.89 -0.19 9.56
N ILE B 178 -2.99 -0.28 10.52
CA ILE B 178 -3.38 -0.31 11.94
C ILE B 178 -2.55 0.71 12.72
N VAL B 179 -3.24 1.57 13.45
CA VAL B 179 -2.56 2.59 14.26
C VAL B 179 -2.88 2.38 15.73
N CYS B 180 -1.89 1.95 16.47
CA CYS B 180 -2.03 1.76 17.92
C CYS B 180 -1.45 2.97 18.63
N THR B 181 -2.06 3.36 19.75
CA THR B 181 -1.60 4.53 20.47
C THR B 181 -1.88 4.51 21.97
N ARG B 182 -0.90 4.97 22.75
CA ARG B 182 -1.07 5.21 24.17
C ARG B 182 -0.98 6.71 24.38
N PRO B 183 -2.14 7.37 24.49
CA PRO B 183 -2.24 8.83 24.60
C PRO B 183 -1.33 9.39 25.70
N ASN B 184 -1.00 10.68 25.58
CA ASN B 184 -0.13 11.34 26.55
C ASN B 184 -0.33 10.86 27.99
N ASN B 193 -5.24 6.28 32.80
CA ASN B 193 -4.29 5.19 32.93
C ASN B 193 -3.11 5.34 31.97
N ILE B 194 -1.92 5.04 32.47
CA ILE B 194 -0.70 5.20 31.69
C ILE B 194 -0.35 3.92 30.92
N ARG B 195 -1.00 2.81 31.27
CA ARG B 195 -0.77 1.53 30.62
C ARG B 195 -1.86 1.29 29.57
N GLN B 196 -2.84 2.20 29.54
CA GLN B 196 -4.02 2.05 28.70
C GLN B 196 -3.78 2.60 27.29
N ALA B 197 -3.92 1.72 26.30
CA ALA B 197 -3.75 2.11 24.91
C ALA B 197 -4.90 1.57 24.07
N HIS B 198 -4.86 1.85 22.77
CA HIS B 198 -5.89 1.37 21.85
C HIS B 198 -5.38 1.39 20.41
N CYS B 199 -6.08 0.68 19.54
CA CYS B 199 -5.72 0.64 18.12
C CYS B 199 -6.93 0.91 17.23
N ASN B 200 -6.68 1.59 16.10
CA ASN B 200 -7.75 1.89 15.17
C ASN B 200 -7.61 1.15 13.84
N ILE B 201 -8.67 0.47 13.44
CA ILE B 201 -8.71 -0.27 12.18
C ILE B 201 -10.02 0.00 11.47
N ASN B 202 -9.95 0.60 10.28
CA ASN B 202 -11.16 0.87 9.50
C ASN B 202 -11.90 -0.40 9.13
N GLU B 203 -13.20 -0.43 9.42
CA GLU B 203 -14.02 -1.61 9.16
C GLU B 203 -14.04 -2.01 7.70
N SER B 204 -14.39 -1.06 6.83
CA SER B 204 -14.50 -1.34 5.40
C SER B 204 -13.33 -2.17 4.89
N LYS B 205 -12.11 -1.72 5.20
CA LYS B 205 -10.91 -2.38 4.70
C LYS B 205 -10.68 -3.72 5.40
N TRP B 206 -11.20 -3.84 6.62
CA TRP B 206 -11.14 -5.11 7.34
C TRP B 206 -12.25 -6.05 6.86
N ASN B 207 -13.33 -5.45 6.37
CA ASN B 207 -14.46 -6.21 5.84
C ASN B 207 -14.15 -6.83 4.49
N ASN B 208 -13.63 -6.02 3.57
CA ASN B 208 -13.17 -6.54 2.29
C ASN B 208 -12.16 -7.64 2.56
N THR B 209 -11.30 -7.40 3.53
CA THR B 209 -10.26 -8.35 3.89
C THR B 209 -10.81 -9.72 4.28
N LEU B 210 -11.44 -9.80 5.45
CA LEU B 210 -11.94 -11.07 5.95
C LEU B 210 -12.85 -11.78 4.96
N GLN B 211 -13.57 -11.02 4.16
CA GLN B 211 -14.39 -11.60 3.11
C GLN B 211 -13.50 -12.34 2.13
N LYS B 212 -12.55 -11.62 1.56
CA LYS B 212 -11.56 -12.23 0.67
C LYS B 212 -10.90 -13.42 1.34
N VAL B 213 -10.70 -13.31 2.66
CA VAL B 213 -10.01 -14.35 3.42
C VAL B 213 -10.88 -15.59 3.58
N GLY B 214 -12.15 -15.38 3.90
CA GLY B 214 -13.08 -16.48 4.06
C GLY B 214 -13.36 -17.18 2.74
N GLU B 215 -13.37 -16.42 1.66
CA GLU B 215 -13.62 -17.00 0.34
C GLU B 215 -12.52 -17.98 -0.04
N GLU B 216 -11.29 -17.62 0.31
CA GLU B 216 -10.15 -18.50 0.05
C GLU B 216 -10.23 -19.76 0.91
N LEU B 217 -10.55 -19.57 2.19
CA LEU B 217 -10.75 -20.69 3.10
C LEU B 217 -11.84 -21.62 2.60
N ALA B 218 -12.93 -21.01 2.10
CA ALA B 218 -14.06 -21.77 1.58
C ALA B 218 -13.63 -22.65 0.41
N LYS B 219 -12.62 -22.21 -0.33
CA LYS B 219 -12.11 -22.99 -1.45
C LYS B 219 -11.49 -24.29 -0.96
N HIS B 220 -11.09 -24.28 0.31
CA HIS B 220 -10.49 -25.46 0.93
C HIS B 220 -11.53 -26.24 1.75
N PHE B 221 -12.78 -25.80 1.68
CA PHE B 221 -13.87 -26.46 2.36
C PHE B 221 -15.14 -26.44 1.52
N PRO B 222 -15.48 -27.57 0.89
CA PRO B 222 -16.57 -27.69 -0.09
C PRO B 222 -17.82 -26.88 0.25
N SER B 223 -18.36 -27.06 1.45
CA SER B 223 -19.59 -26.36 1.84
C SER B 223 -19.79 -26.35 3.35
N LYS B 224 -19.31 -25.29 3.99
CA LYS B 224 -19.45 -25.16 5.43
C LYS B 224 -19.49 -23.70 5.85
N THR B 225 -20.14 -23.43 6.99
CA THR B 225 -20.17 -22.10 7.56
C THR B 225 -18.81 -21.77 8.16
N ILE B 226 -18.12 -20.79 7.58
CA ILE B 226 -16.81 -20.39 8.08
C ILE B 226 -16.93 -19.24 9.08
N LYS B 227 -16.52 -19.50 10.32
CA LYS B 227 -16.63 -18.52 11.39
C LYS B 227 -15.25 -18.07 11.88
N PHE B 228 -15.12 -16.79 12.18
CA PHE B 228 -13.90 -16.26 12.77
C PHE B 228 -14.15 -15.82 14.20
N GLU B 229 -13.44 -16.45 15.15
CA GLU B 229 -13.62 -16.17 16.56
C GLU B 229 -12.28 -15.92 17.24
N PRO B 230 -12.30 -15.18 18.37
CA PRO B 230 -11.08 -14.90 19.14
C PRO B 230 -10.44 -16.18 19.66
N SER B 231 -9.14 -16.13 19.97
CA SER B 231 -8.44 -17.30 20.46
C SER B 231 -9.14 -17.90 21.67
N SER B 232 -9.25 -19.22 21.68
CA SER B 232 -9.98 -19.93 22.74
C SER B 232 -9.54 -19.46 24.13
N GLY B 233 -8.25 -19.57 24.41
CA GLY B 233 -7.72 -19.17 25.69
C GLY B 233 -6.22 -19.41 25.78
N GLY B 234 -5.61 -18.86 26.82
CA GLY B 234 -4.17 -19.00 27.03
C GLY B 234 -3.53 -17.70 27.50
N ASP B 235 -2.23 -17.56 27.30
CA ASP B 235 -1.52 -16.37 27.72
C ASP B 235 -1.91 -15.17 26.86
N LEU B 236 -1.88 -13.99 27.46
CA LEU B 236 -2.22 -12.76 26.75
C LEU B 236 -1.48 -12.62 25.42
N GLU B 237 -0.17 -12.80 25.46
CA GLU B 237 0.66 -12.70 24.27
C GLU B 237 -0.03 -13.41 23.10
N ILE B 238 -0.62 -14.55 23.40
CA ILE B 238 -1.20 -15.40 22.37
C ILE B 238 -2.71 -15.18 22.20
N THR B 239 -3.40 -14.83 23.28
CA THR B 239 -4.83 -14.58 23.21
C THR B 239 -5.14 -13.13 22.82
N THR B 240 -4.09 -12.35 22.61
CA THR B 240 -4.23 -10.99 22.12
C THR B 240 -3.16 -10.71 21.08
N HIS B 241 -3.44 -9.76 20.18
CA HIS B 241 -2.43 -9.34 19.23
C HIS B 241 -1.37 -8.53 19.97
N SER B 242 -0.37 -9.23 20.50
CA SER B 242 0.72 -8.56 21.21
C SER B 242 1.89 -8.33 20.28
N PHE B 243 2.65 -7.27 20.58
CA PHE B 243 3.76 -6.84 19.73
C PHE B 243 4.56 -5.77 20.46
N ASN B 244 5.63 -5.29 19.84
CA ASN B 244 6.43 -4.25 20.46
C ASN B 244 6.35 -2.93 19.70
N CYS B 245 5.92 -1.88 20.39
CA CYS B 245 5.83 -0.56 19.80
C CYS B 245 6.81 0.40 20.50
N ARG B 246 8.00 0.53 19.93
CA ARG B 246 9.00 1.45 20.45
C ARG B 246 9.51 1.03 21.82
N GLY B 247 9.77 -0.27 21.97
CA GLY B 247 10.27 -0.82 23.22
C GLY B 247 9.16 -1.15 24.21
N GLU B 248 7.95 -0.68 23.90
CA GLU B 248 6.80 -0.92 24.76
C GLU B 248 5.99 -2.10 24.22
N PHE B 249 5.59 -2.99 25.14
CA PHE B 249 4.87 -4.20 24.74
C PHE B 249 3.36 -4.05 24.84
N PHE B 250 2.72 -3.95 23.69
CA PHE B 250 1.28 -3.76 23.61
C PHE B 250 0.54 -5.08 23.48
N TYR B 251 -0.47 -5.27 24.32
CA TYR B 251 -1.35 -6.42 24.23
C TYR B 251 -2.74 -5.95 23.84
N CYS B 252 -3.06 -6.04 22.56
CA CYS B 252 -4.33 -5.51 22.05
C CYS B 252 -5.43 -6.56 21.98
N ASN B 253 -6.57 -6.24 22.59
CA ASN B 253 -7.75 -7.10 22.56
C ASN B 253 -8.25 -7.22 21.12
N THR B 254 -8.55 -8.44 20.69
CA THR B 254 -8.89 -8.70 19.29
C THR B 254 -10.27 -9.32 19.14
N SER B 255 -11.07 -9.27 20.21
CA SER B 255 -12.40 -9.89 20.21
C SER B 255 -13.37 -9.19 19.26
N ASP B 256 -13.15 -7.90 19.03
CA ASP B 256 -14.00 -7.14 18.11
C ASP B 256 -13.46 -7.14 16.69
N LEU B 257 -12.40 -7.91 16.46
CA LEU B 257 -11.76 -7.99 15.15
C LEU B 257 -12.00 -9.36 14.52
N PHE B 258 -11.79 -10.41 15.31
CA PHE B 258 -12.07 -11.76 14.87
C PHE B 258 -13.43 -12.19 15.41
N ASN B 259 -14.48 -11.54 14.95
CA ASN B 259 -15.83 -11.80 15.43
C ASN B 259 -16.85 -11.63 14.29
N GLY B 260 -17.09 -12.71 13.56
CA GLY B 260 -18.05 -12.68 12.47
C GLY B 260 -18.06 -13.94 11.63
N THR B 261 -19.25 -14.44 11.34
CA THR B 261 -19.39 -15.65 10.51
C THR B 261 -19.63 -15.27 9.07
N TYR B 262 -19.04 -16.02 8.14
CA TYR B 262 -19.16 -15.71 6.73
C TYR B 262 -19.46 -16.97 5.90
N ARG B 263 -20.73 -17.16 5.54
CA ARG B 263 -21.15 -18.33 4.79
C ARG B 263 -21.95 -17.95 3.56
N ASN B 264 -21.85 -18.76 2.51
CA ASN B 264 -22.52 -18.48 1.23
C ASN B 264 -21.97 -17.21 0.58
N GLY B 265 -20.64 -17.09 0.56
CA GLY B 265 -19.97 -15.95 -0.02
C GLY B 265 -20.37 -14.65 0.65
N THR B 266 -20.99 -14.77 1.82
CA THR B 266 -21.46 -13.59 2.55
C THR B 266 -20.40 -13.08 3.51
N TYR B 267 -20.73 -11.98 4.20
CA TYR B 267 -19.82 -11.40 5.17
C TYR B 267 -20.59 -10.69 6.27
N ASN B 268 -20.40 -11.13 7.51
CA ASN B 268 -21.11 -10.59 8.66
C ASN B 268 -20.18 -10.45 9.87
N HIS B 269 -19.96 -9.21 10.33
CA HIS B 269 -18.96 -8.93 11.36
C HIS B 269 -19.57 -8.59 12.73
N THR B 270 -18.87 -7.75 13.49
CA THR B 270 -19.28 -7.40 14.86
C THR B 270 -18.33 -6.40 15.52
N GLY B 271 -18.86 -5.59 16.43
CA GLY B 271 -18.05 -4.66 17.21
C GLY B 271 -17.55 -3.48 16.40
N ARG B 272 -18.23 -2.34 16.50
CA ARG B 272 -17.95 -1.21 15.63
C ARG B 272 -18.16 0.12 16.35
N SER B 273 -17.62 1.20 15.78
CA SER B 273 -17.80 2.54 16.34
C SER B 273 -18.52 3.44 15.35
N SER B 274 -19.04 4.56 15.85
CA SER B 274 -19.83 5.47 15.02
C SER B 274 -19.04 6.00 13.83
N ASN B 275 -17.73 6.09 13.99
CA ASN B 275 -16.87 6.62 12.93
C ASN B 275 -16.72 5.66 11.76
N GLY B 276 -16.83 4.36 12.05
CA GLY B 276 -16.66 3.34 11.04
C GLY B 276 -15.30 2.66 11.14
N THR B 277 -14.77 2.63 12.35
CA THR B 277 -13.48 1.99 12.59
C THR B 277 -13.53 1.10 13.83
N ILE B 278 -12.87 -0.05 13.74
CA ILE B 278 -12.79 -0.98 14.86
C ILE B 278 -11.68 -0.56 15.82
N THR B 279 -12.06 -0.33 17.08
CA THR B 279 -11.10 0.06 18.10
C THR B 279 -10.74 -1.14 18.98
N LEU B 280 -9.45 -1.36 19.18
CA LEU B 280 -8.97 -2.46 20.02
C LEU B 280 -8.40 -1.91 21.32
N GLN B 281 -8.88 -2.43 22.44
CA GLN B 281 -8.38 -1.98 23.74
C GLN B 281 -7.04 -2.63 24.06
N CYS B 282 -6.01 -1.80 24.17
CA CYS B 282 -4.66 -2.29 24.43
C CYS B 282 -4.21 -1.98 25.84
N LYS B 283 -3.36 -2.86 26.37
CA LYS B 283 -2.68 -2.62 27.63
C LYS B 283 -1.18 -2.78 27.38
N ILE B 284 -0.38 -1.88 27.95
CA ILE B 284 1.06 -2.03 27.90
C ILE B 284 1.52 -2.84 29.11
N LYS B 285 2.23 -3.93 28.85
CA LYS B 285 2.67 -4.80 29.93
C LYS B 285 4.18 -4.75 30.16
N GLN B 286 4.57 -4.96 31.41
CA GLN B 286 5.97 -5.04 31.77
C GLN B 286 6.38 -6.50 31.90
N ILE B 287 5.62 -7.26 32.69
CA ILE B 287 5.86 -8.69 32.81
C ILE B 287 5.33 -9.42 31.58
N ILE B 288 6.23 -10.09 30.85
CA ILE B 288 5.82 -10.76 29.63
C ILE B 288 6.48 -12.12 29.49
N ASN B 289 5.76 -13.04 28.87
CA ASN B 289 6.29 -14.35 28.54
C ASN B 289 7.14 -14.27 27.28
N MET B 290 8.43 -14.57 27.42
CA MET B 290 9.39 -14.41 26.34
C MET B 290 9.04 -15.28 25.14
N TRP B 291 9.09 -14.68 23.94
CA TRP B 291 8.84 -15.41 22.71
C TRP B 291 10.10 -16.17 22.32
N GLN B 292 11.24 -15.71 22.84
CA GLN B 292 12.53 -16.32 22.53
C GLN B 292 12.69 -17.64 23.25
N GLU B 293 12.41 -17.62 24.55
CA GLU B 293 12.69 -18.75 25.42
C GLU B 293 11.53 -19.01 26.37
N VAL B 294 11.57 -20.14 27.06
CA VAL B 294 10.57 -20.49 28.06
C VAL B 294 10.91 -19.81 29.39
N GLY B 295 10.37 -18.61 29.58
CA GLY B 295 10.61 -17.83 30.78
C GLY B 295 9.83 -16.54 30.73
N ARG B 296 10.17 -15.60 31.60
CA ARG B 296 9.50 -14.30 31.61
C ARG B 296 10.48 -13.16 31.78
N ALA B 297 10.13 -12.00 31.21
CA ALA B 297 10.94 -10.81 31.34
C ALA B 297 10.11 -9.68 31.95
N ILE B 298 10.76 -8.85 32.75
CA ILE B 298 10.10 -7.68 33.32
C ILE B 298 10.80 -6.43 32.82
N TYR B 299 10.04 -5.54 32.20
CA TYR B 299 10.62 -4.34 31.62
C TYR B 299 10.23 -3.09 32.40
N ALA B 300 10.81 -1.96 32.00
CA ALA B 300 10.59 -0.70 32.70
C ALA B 300 9.22 -0.11 32.37
N PRO B 301 8.67 0.68 33.30
CA PRO B 301 7.39 1.36 33.09
C PRO B 301 7.40 2.17 31.80
N PRO B 302 6.30 2.13 31.04
CA PRO B 302 6.18 2.79 29.74
C PRO B 302 6.75 4.19 29.75
N ILE B 303 7.46 4.54 28.68
CA ILE B 303 7.95 5.89 28.49
C ILE B 303 6.78 6.87 28.48
N GLU B 304 7.05 8.13 28.78
CA GLU B 304 6.00 9.15 28.80
C GLU B 304 5.74 9.72 27.41
N GLY B 305 4.60 10.38 27.24
CA GLY B 305 4.25 10.98 25.97
C GLY B 305 3.55 10.00 25.04
N GLU B 306 3.22 10.45 23.84
CA GLU B 306 2.55 9.61 22.86
C GLU B 306 3.42 8.45 22.38
N ILE B 307 2.87 7.25 22.43
CA ILE B 307 3.55 6.06 21.93
C ILE B 307 2.68 5.41 20.86
N THR B 308 2.95 5.72 19.59
CA THR B 308 2.13 5.23 18.49
C THR B 308 2.92 4.40 17.49
N CYS B 309 2.32 3.33 17.00
CA CYS B 309 2.90 2.51 15.94
C CYS B 309 1.97 2.46 14.72
N ASN B 310 2.23 3.33 13.76
CA ASN B 310 1.47 3.35 12.52
C ASN B 310 1.97 2.25 11.59
N SER B 311 1.35 1.08 11.68
CA SER B 311 1.84 -0.10 10.95
C SER B 311 0.81 -0.72 10.03
N ASN B 312 1.25 -1.64 9.18
CA ASN B 312 0.36 -2.31 8.24
C ASN B 312 0.25 -3.81 8.51
N ILE B 313 -0.98 -4.30 8.63
CA ILE B 313 -1.21 -5.73 8.77
C ILE B 313 -1.14 -6.38 7.39
N THR B 314 -0.13 -7.22 7.18
CA THR B 314 0.09 -7.82 5.87
C THR B 314 -0.24 -9.31 5.83
N GLY B 315 -0.60 -9.87 6.98
CA GLY B 315 -0.91 -11.28 7.06
C GLY B 315 -1.56 -11.68 8.36
N LEU B 316 -1.98 -12.94 8.46
CA LEU B 316 -2.62 -13.42 9.68
C LEU B 316 -2.07 -14.77 10.14
N LEU B 317 -2.24 -15.02 11.44
CA LEU B 317 -1.90 -16.31 12.03
C LEU B 317 -3.17 -16.92 12.60
N LEU B 318 -3.56 -18.08 12.07
CA LEU B 318 -4.85 -18.65 12.42
C LEU B 318 -4.76 -20.08 12.94
N LEU B 319 -5.86 -20.55 13.52
CA LEU B 319 -5.96 -21.89 14.09
C LEU B 319 -7.37 -22.45 13.97
N ARG B 320 -7.55 -23.43 13.08
CA ARG B 320 -8.83 -24.11 12.91
C ARG B 320 -9.03 -25.08 14.08
N ASP B 321 -10.28 -25.29 14.47
CA ASP B 321 -10.58 -25.98 15.72
C ASP B 321 -10.56 -27.50 15.66
N GLY B 322 -11.05 -28.06 14.55
CA GLY B 322 -11.08 -29.50 14.37
C GLY B 322 -12.40 -30.09 14.80
N GLY B 323 -12.34 -31.27 15.43
CA GLY B 323 -13.53 -31.95 15.90
C GLY B 323 -14.10 -32.90 14.85
N ASN B 329 -19.81 -29.73 12.68
CA ASN B 329 -20.54 -30.17 11.50
C ASN B 329 -21.01 -29.00 10.64
N ASP B 330 -20.45 -28.89 9.43
CA ASP B 330 -20.82 -27.82 8.53
C ASP B 330 -20.56 -26.45 9.14
N THR B 331 -19.47 -26.34 9.89
CA THR B 331 -19.10 -25.10 10.54
C THR B 331 -17.63 -25.08 10.94
N GLU B 332 -16.79 -24.49 10.10
CA GLU B 332 -15.36 -24.42 10.36
C GLU B 332 -15.00 -23.08 11.01
N THR B 333 -14.63 -23.12 12.28
CA THR B 333 -14.29 -21.90 13.01
C THR B 333 -12.77 -21.69 13.08
N PHE B 334 -12.35 -20.45 12.88
CA PHE B 334 -10.93 -20.11 12.91
C PHE B 334 -10.64 -19.05 13.96
N ARG B 335 -9.50 -19.17 14.62
CA ARG B 335 -9.12 -18.25 15.69
C ARG B 335 -7.71 -17.72 15.49
N PRO B 336 -7.43 -16.52 16.01
CA PRO B 336 -6.09 -15.94 15.90
C PRO B 336 -5.09 -16.73 16.73
N GLY B 337 -3.95 -17.05 16.13
CA GLY B 337 -2.94 -17.85 16.81
C GLY B 337 -1.60 -17.14 16.90
N GLY B 338 -0.53 -17.88 16.63
CA GLY B 338 0.82 -17.34 16.75
C GLY B 338 1.47 -17.77 18.05
N GLY B 339 2.59 -17.15 18.38
CA GLY B 339 3.35 -17.49 19.57
C GLY B 339 4.75 -17.90 19.20
N ASP B 340 4.86 -18.87 18.30
CA ASP B 340 6.14 -19.26 17.73
C ASP B 340 6.53 -18.27 16.64
N MET B 341 7.57 -17.49 16.89
CA MET B 341 7.97 -16.43 15.98
C MET B 341 8.54 -16.97 14.67
N ARG B 342 8.94 -18.23 14.66
CA ARG B 342 9.48 -18.82 13.44
C ARG B 342 8.46 -18.67 12.31
N ASP B 343 7.19 -18.83 12.65
CA ASP B 343 6.12 -18.65 11.68
C ASP B 343 6.16 -17.24 11.11
N ASN B 344 6.30 -16.26 12.00
CA ASN B 344 6.39 -14.87 11.58
C ASN B 344 7.46 -14.69 10.52
N TRP B 345 8.40 -15.62 10.48
CA TRP B 345 9.56 -15.48 9.62
C TRP B 345 9.56 -16.53 8.52
N ARG B 346 8.65 -17.50 8.65
CA ARG B 346 8.34 -18.39 7.56
C ARG B 346 7.54 -17.59 6.55
N SER B 347 6.72 -16.69 7.06
CA SER B 347 5.83 -15.88 6.25
C SER B 347 6.60 -15.11 5.17
N GLU B 348 7.90 -14.98 5.37
CA GLU B 348 8.72 -14.21 4.43
C GLU B 348 9.87 -15.05 3.86
N LEU B 349 10.14 -16.19 4.48
CA LEU B 349 11.16 -17.10 4.00
C LEU B 349 10.55 -18.29 3.28
N TYR B 350 9.23 -18.25 3.11
CA TYR B 350 8.52 -19.32 2.42
C TYR B 350 9.01 -19.46 0.99
N LYS B 351 9.42 -18.33 0.40
CA LYS B 351 9.89 -18.30 -0.98
C LYS B 351 11.28 -18.92 -1.13
N TYR B 352 12.11 -18.78 -0.10
CA TYR B 352 13.52 -19.09 -0.21
C TYR B 352 13.89 -20.50 0.25
N LYS B 353 15.09 -20.92 -0.15
CA LYS B 353 15.57 -22.27 0.09
C LYS B 353 17.04 -22.35 -0.31
N VAL B 354 17.91 -22.51 0.69
CA VAL B 354 19.36 -22.51 0.45
C VAL B 354 19.85 -23.77 -0.28
N VAL B 355 20.47 -23.56 -1.44
CA VAL B 355 20.96 -24.64 -2.26
C VAL B 355 22.49 -24.62 -2.35
N GLU B 356 23.09 -25.80 -2.53
CA GLU B 356 24.53 -25.88 -2.74
C GLU B 356 24.83 -25.96 -4.23
N ILE B 357 25.68 -25.05 -4.71
CA ILE B 357 26.04 -25.01 -6.12
C ILE B 357 26.97 -26.17 -6.48
N LYS B 358 27.41 -26.91 -5.47
CA LYS B 358 28.31 -28.03 -5.65
C LYS B 358 27.73 -29.07 -6.60
#